data_8T9H
#
_entry.id   8T9H
#
_cell.length_a   1.00
_cell.length_b   1.00
_cell.length_c   1.00
_cell.angle_alpha   90.00
_cell.angle_beta   90.00
_cell.angle_gamma   90.00
#
_symmetry.space_group_name_H-M   'P 1'
#
loop_
_entity.id
_entity.type
_entity.pdbx_description
1 polymer 'Histone H3.2'
2 polymer 'Histone H4'
3 polymer 'Histone H2A'
4 polymer 'Histone H2B 1.1'
5 polymer 'DNA (146-MER)'
6 polymer 'DNA (146-MER)'
7 polymer 'Histone-lysine N-methyltransferase KMT5B'
#
loop_
_entity_poly.entity_id
_entity_poly.type
_entity_poly.pdbx_seq_one_letter_code
_entity_poly.pdbx_strand_id
1 'polypeptide(L)'
;ARTKQTARKSTGGKAPRKQLATKAARKSAPATGGVKKPHRYRPGTVALREIRRYQKSTELLIRKLPFQRLVREIAQDFKT
DLRFQSSAVMALQEASEAYLVALFEDTNLCAIHAKRVTIMPKDIQLARRIRGERA
;
A,E
2 'polypeptide(L)'
;MSGRGKGGKGLGKGGAKRHRMVLRDNIQGITKPAIRRLARRGGVKRISGLIYEETRGVLKVFLENVIRDAVTYTEHAKRK
TVTAMDVVYALKRQGRTLYGFGG
;
B,F
3 'polypeptide(L)'
;MSGRGKQGGKTRAKAKTRSSRAGLQFPVGRVHRLLRKGNYAERVGAGAPVYLAAVLEYLTAEILELAGNAARDNKKTRII
PRHLQLAVRNDEELNKLLGRVTIAQGGVLPNIQSVLLPKKTESSKSAKSK
;
C,G
4 'polypeptide(L)'
;MAKSAPAPKKGSKKAVTKTQKKDGKKRRKTRKESYAIYVYKVLKQVHPDTGISSKAMSIMNSFVNDVFERIAGEASRLAH
YNKRSTITSREIQTAVRLLLPGELAKHAVSEGTKAVTKYTSAK
;
D,H
5 'polydeoxyribonucleotide'
;(DT)(DC)(DG)(DA)(DG)(DA)(DA)(DT)(DC)(DC)(DC)(DG)(DG)(DT)(DG)(DC)(DC)(DG)(DA)(DG)
(DG)(DC)(DC)(DG)(DC)(DT)(DC)(DA)(DA)(DT)(DT)(DG)(DG)(DT)(DC)(DG)(DT)(DA)(DG)(DA)
(DC)(DA)(DG)(DC)(DT)(DC)(DT)(DA)(DG)(DC)(DA)(DC)(DC)(DG)(DC)(DT)(DT)(DA)(DA)(DA)
(DC)(DG)(DC)(DA)(DC)(DG)(DT)(DA)(DC)(DG)(DG)(DA)(DT)(DT)(DC)(DT)(DC)(DC)(DC)(DC)
(DC)(DG)(DC)(DG)(DT)(DT)(DT)(DT)(DA)(DA)(DC)(DC)(DG)(DC)(DC)(DA)(DA)(DG)(DG)(DG)
(DG)(DA)(DT)(DT)(DA)(DC)(DT)(DC)(DC)(DC)(DT)(DA)(DG)(DT)(DC)(DT)(DC)(DC)(DA)(DG)
(DG)(DC)(DA)(DC)(DG)(DT)(DG)(DT)(DC)(DA)(DG)(DA)(DT)(DA)(DT)(DA)(DT)(DA)(DC)(DA)
(DT)(DC)(DC)(DG)(DA)(DT)
;
I
6 'polydeoxyribonucleotide'
;(DA)(DT)(DC)(DG)(DG)(DA)(DT)(DG)(DT)(DA)(DT)(DA)(DT)(DA)(DT)(DC)(DT)(DG)(DA)(DC)
(DA)(DC)(DG)(DT)(DG)(DC)(DC)(DT)(DG)(DG)(DA)(DG)(DA)(DC)(DT)(DA)(DG)(DG)(DG)(DA)
(DG)(DT)(DA)(DA)(DT)(DC)(DC)(DC)(DC)(DT)(DT)(DG)(DG)(DC)(DG)(DG)(DT)(DT)(DA)(DA)
(DA)(DA)(DC)(DG)(DC)(DG)(DG)(DG)(DG)(DG)(DA)(DG)(DA)(DA)(DT)(DC)(DC)(DG)(DT)(DA)
(DC)(DG)(DT)(DG)(DC)(DG)(DT)(DT)(DT)(DA)(DA)(DG)(DC)(DG)(DG)(DT)(DG)(DC)(DT)(DA)
(DG)(DA)(DG)(DC)(DT)(DG)(DT)(DC)(DT)(DA)(DC)(DG)(DA)(DC)(DC)(DA)(DA)(DT)(DT)(DG)
(DA)(DG)(DC)(DG)(DG)(DC)(DC)(DT)(DC)(DG)(DG)(DC)(DA)(DC)(DC)(DG)(DG)(DG)(DA)(DT)
(DT)(DC)(DT)(DC)(DG)(DA)
;
J
7 'polypeptide(L)'
;GSKWLGESKNMVVNGRRNGGKLSNDHQQNQSKLQHTGKDTLKAGKNAVERRSNRCNGNSGFEGQSRYVPSSGMSAKELCE
NDDLATSLVLDPYLGFQTHKMNTSAFPSRSSRHFSKSDSFSHNNPVRFRPIKGRQEELKEVIERFKKDEHLEKAFKCLTS
GEWARHYFLNKNKMQEKLFKEHVFIYLRMFATDSGFEILPCNRYSSEQNGAKIVATKEWKRNDKIELLVGCIAELSEIEE
NMLLRHGENDFSVMYSTRKNCAQLWLGPAAFINHDCRPNCKFVSTGRDTACVKALRDIEPGEEISCYYGDGFFGENNEFC
ECYTCERRGTGAFKSRVGLPAPAPVINSKYGLRETDKRLNRLKKLGDSSKNSDSQSVSSNTDADTTQEKNNASK
;
K
#
loop_
_chem_comp.id
_chem_comp.type
_chem_comp.name
_chem_comp.formula
DA DNA linking 2'-DEOXYADENOSINE-5'-MONOPHOSPHATE 'C10 H14 N5 O6 P'
DC DNA linking 2'-DEOXYCYTIDINE-5'-MONOPHOSPHATE 'C9 H14 N3 O7 P'
DG DNA linking 2'-DEOXYGUANOSINE-5'-MONOPHOSPHATE 'C10 H14 N5 O7 P'
DT DNA linking THYMIDINE-5'-MONOPHOSPHATE 'C10 H15 N2 O8 P'
#
# COMPACT_ATOMS: atom_id res chain seq x y z
N ARG A 40 -8.36 32.61 -34.99
CA ARG A 40 -8.32 31.93 -33.70
C ARG A 40 -7.53 30.63 -33.79
N TYR A 41 -6.96 30.21 -32.66
CA TYR A 41 -6.23 28.96 -32.61
C TYR A 41 -7.18 27.77 -32.71
N ARG A 42 -6.63 26.64 -33.12
CA ARG A 42 -7.40 25.40 -33.13
C ARG A 42 -7.74 25.01 -31.70
N PRO A 43 -8.99 24.64 -31.42
CA PRO A 43 -9.34 24.25 -30.05
C PRO A 43 -8.57 23.02 -29.60
N GLY A 44 -7.94 23.12 -28.43
CA GLY A 44 -7.23 22.00 -27.85
C GLY A 44 -5.74 22.21 -27.65
N THR A 45 -5.05 22.83 -28.62
CA THR A 45 -3.61 23.04 -28.48
C THR A 45 -3.31 24.02 -27.36
N VAL A 46 -4.13 25.05 -27.18
CA VAL A 46 -3.94 25.97 -26.07
C VAL A 46 -4.13 25.25 -24.75
N ALA A 47 -5.00 24.24 -24.71
CA ALA A 47 -5.16 23.45 -23.50
C ALA A 47 -3.87 22.72 -23.14
N LEU A 48 -3.22 22.10 -24.13
CA LEU A 48 -1.95 21.43 -23.86
C LEU A 48 -0.89 22.43 -23.44
N ARG A 49 -0.84 23.59 -24.10
CA ARG A 49 0.13 24.61 -23.74
C ARG A 49 -0.06 25.05 -22.29
N GLU A 50 -1.31 25.30 -21.90
CA GLU A 50 -1.62 25.71 -20.54
C GLU A 50 -1.30 24.62 -19.52
N ILE A 51 -1.61 23.36 -19.84
CA ILE A 51 -1.29 22.26 -18.93
C ILE A 51 0.22 22.18 -18.72
N ARG A 52 0.99 22.24 -19.80
CA ARG A 52 2.44 22.17 -19.67
C ARG A 52 2.98 23.37 -18.90
N ARG A 53 2.43 24.55 -19.14
CA ARG A 53 2.90 25.75 -18.44
C ARG A 53 2.65 25.64 -16.94
N TYR A 54 1.46 25.17 -16.55
CA TYR A 54 1.13 25.11 -15.13
C TYR A 54 1.65 23.86 -14.44
N GLN A 55 2.11 22.86 -15.20
CA GLN A 55 2.80 21.73 -14.56
C GLN A 55 4.30 21.99 -14.42
N LYS A 56 4.89 22.68 -15.39
CA LYS A 56 6.29 23.08 -15.26
C LYS A 56 6.47 24.07 -14.11
N SER A 57 5.55 25.00 -13.96
CA SER A 57 5.61 25.99 -12.91
C SER A 57 5.19 25.38 -11.57
N THR A 58 5.42 26.13 -10.49
CA THR A 58 5.11 25.62 -9.16
C THR A 58 4.50 26.67 -8.23
N GLU A 59 4.23 27.88 -8.71
CA GLU A 59 3.65 28.89 -7.85
C GLU A 59 2.19 28.59 -7.56
N LEU A 60 1.66 29.29 -6.56
CA LEU A 60 0.26 29.12 -6.19
C LEU A 60 -0.66 29.65 -7.27
N LEU A 61 -1.80 28.98 -7.45
CA LEU A 61 -2.77 29.35 -8.46
C LEU A 61 -3.89 30.24 -7.93
N ILE A 62 -4.44 29.90 -6.77
CA ILE A 62 -5.51 30.71 -6.18
C ILE A 62 -4.92 32.03 -5.69
N ARG A 63 -5.60 33.12 -6.01
CA ARG A 63 -5.15 34.44 -5.56
C ARG A 63 -5.11 34.47 -4.04
N LYS A 64 -4.04 35.08 -3.51
CA LYS A 64 -3.78 34.99 -2.08
C LYS A 64 -4.83 35.72 -1.25
N LEU A 65 -5.16 36.95 -1.62
CA LEU A 65 -6.10 37.73 -0.82
C LEU A 65 -7.49 37.11 -0.78
N PRO A 66 -8.10 36.71 -1.91
CA PRO A 66 -9.42 36.05 -1.82
C PRO A 66 -9.39 34.77 -0.99
N PHE A 67 -8.32 33.99 -1.10
CA PHE A 67 -8.23 32.77 -0.31
C PHE A 67 -8.12 33.07 1.18
N GLN A 68 -7.33 34.09 1.53
CA GLN A 68 -7.23 34.49 2.92
C GLN A 68 -8.57 34.97 3.46
N ARG A 69 -9.30 35.75 2.66
CA ARG A 69 -10.63 36.19 3.07
C ARG A 69 -11.57 35.01 3.26
N LEU A 70 -11.51 34.03 2.35
CA LEU A 70 -12.34 32.84 2.48
C LEU A 70 -11.99 32.07 3.76
N VAL A 71 -10.70 31.93 4.05
CA VAL A 71 -10.29 31.21 5.25
C VAL A 71 -10.79 31.93 6.51
N ARG A 72 -10.66 33.26 6.54
CA ARG A 72 -11.15 34.01 7.69
C ARG A 72 -12.66 33.88 7.84
N GLU A 73 -13.39 33.92 6.71
CA GLU A 73 -14.84 33.75 6.76
C GLU A 73 -15.21 32.37 7.30
N ILE A 74 -14.52 31.33 6.86
CA ILE A 74 -14.82 29.97 7.33
C ILE A 74 -14.52 29.85 8.82
N ALA A 75 -13.36 30.37 9.25
CA ALA A 75 -13.00 30.32 10.65
C ALA A 75 -13.88 31.19 11.53
N GLN A 76 -14.60 32.16 10.94
CA GLN A 76 -15.51 32.98 11.72
C GLN A 76 -16.55 32.14 12.45
N ASP A 77 -17.00 31.04 11.83
CA ASP A 77 -18.03 30.22 12.45
C ASP A 77 -17.53 29.53 13.71
N PHE A 78 -16.33 28.96 13.66
CA PHE A 78 -15.82 28.19 14.81
C PHE A 78 -15.52 29.11 15.99
N LYS A 79 -14.91 30.26 15.73
CA LYS A 79 -14.70 31.26 16.77
C LYS A 79 -14.52 32.62 16.13
N THR A 80 -15.07 33.64 16.77
CA THR A 80 -14.96 35.00 16.24
C THR A 80 -13.59 35.58 16.53
N ASP A 81 -13.32 36.73 15.90
CA ASP A 81 -12.11 37.54 16.08
C ASP A 81 -10.82 36.71 16.14
N LEU A 82 -10.74 35.65 15.34
CA LEU A 82 -9.52 34.87 15.27
C LEU A 82 -8.46 35.58 14.45
N ARG A 83 -7.22 35.48 14.88
CA ARG A 83 -6.08 36.03 14.17
C ARG A 83 -5.28 34.89 13.55
N PHE A 84 -4.79 35.12 12.33
CA PHE A 84 -4.04 34.13 11.58
C PHE A 84 -2.65 34.62 11.30
N GLN A 85 -1.65 33.79 11.57
CA GLN A 85 -0.31 34.05 11.08
C GLN A 85 -0.28 33.93 9.57
N SER A 86 0.56 34.76 8.93
CA SER A 86 0.66 34.71 7.48
C SER A 86 1.12 33.34 7.01
N SER A 87 2.08 32.74 7.72
CA SER A 87 2.54 31.40 7.38
C SER A 87 1.41 30.38 7.50
N ALA A 88 0.50 30.57 8.45
CA ALA A 88 -0.62 29.65 8.58
C ALA A 88 -1.53 29.71 7.35
N VAL A 89 -1.83 30.92 6.87
CA VAL A 89 -2.66 31.04 5.68
C VAL A 89 -1.94 30.49 4.46
N MET A 90 -0.62 30.70 4.39
CA MET A 90 0.15 30.15 3.27
C MET A 90 0.12 28.63 3.29
N ALA A 91 0.27 28.02 4.47
CA ALA A 91 0.21 26.57 4.60
C ALA A 91 -1.17 26.05 4.22
N LEU A 92 -2.23 26.74 4.66
CA LEU A 92 -3.58 26.34 4.27
C LEU A 92 -3.76 26.40 2.76
N GLN A 93 -3.24 27.45 2.13
CA GLN A 93 -3.36 27.56 0.68
C GLN A 93 -2.59 26.46 -0.02
N GLU A 94 -1.38 26.14 0.45
CA GLU A 94 -0.60 25.06 -0.15
C GLU A 94 -1.34 23.73 -0.03
N ALA A 95 -1.86 23.43 1.16
CA ALA A 95 -2.56 22.17 1.36
C ALA A 95 -3.82 22.10 0.50
N SER A 96 -4.58 23.19 0.44
CA SER A 96 -5.80 23.20 -0.35
C SER A 96 -5.51 23.03 -1.83
N GLU A 97 -4.47 23.72 -2.33
CA GLU A 97 -4.11 23.58 -3.73
C GLU A 97 -3.65 22.17 -4.05
N ALA A 98 -2.84 21.56 -3.17
CA ALA A 98 -2.40 20.20 -3.41
C ALA A 98 -3.58 19.23 -3.41
N TYR A 99 -4.50 19.40 -2.45
CA TYR A 99 -5.68 18.54 -2.38
C TYR A 99 -6.53 18.68 -3.64
N LEU A 100 -6.74 19.92 -4.09
CA LEU A 100 -7.55 20.13 -5.29
C LEU A 100 -6.86 19.59 -6.54
N VAL A 101 -5.53 19.69 -6.61
CA VAL A 101 -4.83 19.14 -7.76
C VAL A 101 -4.94 17.62 -7.79
N ALA A 102 -4.78 16.97 -6.63
CA ALA A 102 -4.95 15.52 -6.58
C ALA A 102 -6.38 15.13 -6.94
N LEU A 103 -7.36 15.88 -6.43
CA LEU A 103 -8.76 15.60 -6.75
C LEU A 103 -9.02 15.77 -8.24
N PHE A 104 -8.41 16.77 -8.87
CA PHE A 104 -8.60 16.97 -10.29
C PHE A 104 -7.90 15.90 -11.11
N GLU A 105 -6.76 15.40 -10.65
CA GLU A 105 -6.14 14.26 -11.32
C GLU A 105 -7.06 13.04 -11.27
N ASP A 106 -7.64 12.78 -10.09
CA ASP A 106 -8.58 11.66 -9.98
C ASP A 106 -9.81 11.88 -10.84
N THR A 107 -10.30 13.12 -10.91
CA THR A 107 -11.44 13.43 -11.75
C THR A 107 -11.13 13.23 -13.23
N ASN A 108 -9.93 13.62 -13.65
CA ASN A 108 -9.52 13.39 -15.04
C ASN A 108 -9.44 11.90 -15.33
N LEU A 109 -8.92 11.12 -14.37
CA LEU A 109 -8.90 9.68 -14.55
C LEU A 109 -10.30 9.10 -14.69
N CYS A 110 -11.23 9.57 -13.85
CA CYS A 110 -12.62 9.11 -13.95
C CYS A 110 -13.22 9.47 -15.30
N ALA A 111 -13.00 10.71 -15.75
CA ALA A 111 -13.56 11.15 -17.03
C ALA A 111 -12.99 10.35 -18.18
N ILE A 112 -11.69 10.06 -18.16
CA ILE A 112 -11.09 9.23 -19.19
C ILE A 112 -11.69 7.82 -19.15
N HIS A 113 -11.87 7.27 -17.95
CA HIS A 113 -12.47 5.95 -17.84
C HIS A 113 -13.89 5.92 -18.40
N ALA A 114 -14.61 7.04 -18.31
CA ALA A 114 -15.96 7.13 -18.84
C ALA A 114 -16.00 7.45 -20.33
N LYS A 115 -14.86 7.31 -21.02
CA LYS A 115 -14.76 7.60 -22.45
C LYS A 115 -15.17 9.04 -22.75
N ARG A 116 -14.79 9.96 -21.87
CA ARG A 116 -15.06 11.38 -22.04
C ARG A 116 -13.77 12.16 -21.91
N VAL A 117 -13.71 13.29 -22.60
CA VAL A 117 -12.58 14.21 -22.53
C VAL A 117 -12.80 15.28 -21.47
N THR A 118 -13.94 15.94 -21.53
CA THR A 118 -14.29 16.92 -20.50
C THR A 118 -14.67 16.21 -19.20
N ILE A 119 -14.50 16.92 -18.10
CA ILE A 119 -14.85 16.39 -16.79
C ILE A 119 -16.20 16.94 -16.39
N MET A 120 -16.93 16.17 -15.59
CA MET A 120 -18.27 16.50 -15.14
C MET A 120 -18.32 16.42 -13.62
N PRO A 121 -19.24 17.14 -12.98
CA PRO A 121 -19.33 17.07 -11.51
C PRO A 121 -19.58 15.66 -11.00
N LYS A 122 -20.25 14.82 -11.78
CA LYS A 122 -20.39 13.42 -11.39
C LYS A 122 -19.04 12.74 -11.26
N ASP A 123 -18.07 13.13 -12.10
CA ASP A 123 -16.72 12.57 -11.95
C ASP A 123 -16.11 12.95 -10.61
N ILE A 124 -16.26 14.22 -10.20
CA ILE A 124 -15.74 14.64 -8.90
C ILE A 124 -16.44 13.89 -7.78
N GLN A 125 -17.76 13.73 -7.88
CA GLN A 125 -18.50 13.00 -6.86
C GLN A 125 -18.00 11.57 -6.76
N LEU A 126 -17.79 10.91 -7.90
CA LEU A 126 -17.28 9.54 -7.89
C LEU A 126 -15.89 9.48 -7.28
N ALA A 127 -15.02 10.41 -7.65
CA ALA A 127 -13.66 10.39 -7.12
C ALA A 127 -13.65 10.57 -5.61
N ARG A 128 -14.48 11.48 -5.11
CA ARG A 128 -14.57 11.66 -3.66
C ARG A 128 -15.17 10.43 -2.98
N ARG A 129 -16.19 9.84 -3.60
CA ARG A 129 -16.85 8.67 -3.01
C ARG A 129 -15.90 7.49 -2.90
N ILE A 130 -15.10 7.26 -3.94
CA ILE A 130 -14.26 6.05 -3.97
C ILE A 130 -13.23 6.08 -2.86
N ARG A 131 -12.57 7.21 -2.65
CA ARG A 131 -11.52 7.30 -1.65
C ARG A 131 -12.06 7.70 -0.27
N GLY A 132 -13.32 7.45 0.01
CA GLY A 132 -13.84 7.53 1.36
C GLY A 132 -14.09 8.91 1.89
N GLU A 133 -14.08 9.94 1.05
CA GLU A 133 -14.40 11.28 1.52
C GLU A 133 -15.91 11.44 1.71
N ARG A 134 -16.66 11.38 0.60
CA ARG A 134 -18.13 11.41 0.61
C ARG A 134 -18.66 12.56 1.46
N ALA A 135 -18.37 13.78 1.01
CA ALA A 135 -18.87 14.97 1.67
C ALA A 135 -19.06 16.11 0.68
N ARG B 18 14.75 -28.09 -4.89
CA ARG B 18 15.15 -29.48 -5.02
C ARG B 18 15.33 -29.87 -6.48
N HIS B 19 16.08 -29.05 -7.21
CA HIS B 19 16.35 -29.23 -8.63
C HIS B 19 15.07 -29.26 -9.46
N ARG B 20 13.99 -28.71 -8.93
CA ARG B 20 12.71 -28.58 -9.61
C ARG B 20 12.19 -27.17 -9.44
N MET B 21 11.70 -26.59 -10.53
CA MET B 21 11.13 -25.24 -10.47
C MET B 21 9.86 -25.24 -9.63
N VAL B 22 9.66 -24.16 -8.88
CA VAL B 22 8.50 -24.01 -8.02
C VAL B 22 7.55 -23.00 -8.65
N LEU B 23 6.34 -23.44 -8.96
CA LEU B 23 5.29 -22.57 -9.46
C LEU B 23 4.29 -22.30 -8.34
N ARG B 24 4.20 -21.06 -7.91
CA ARG B 24 3.36 -20.66 -6.78
C ARG B 24 1.93 -20.52 -7.28
N ASP B 25 1.23 -21.64 -7.38
CA ASP B 25 -0.12 -21.68 -7.93
C ASP B 25 -1.19 -21.81 -6.86
N ASN B 26 -0.85 -21.63 -5.58
CA ASN B 26 -1.86 -21.68 -4.53
C ASN B 26 -2.89 -20.58 -4.64
N ILE B 27 -2.57 -19.47 -5.34
CA ILE B 27 -3.56 -18.43 -5.55
C ILE B 27 -4.75 -18.94 -6.34
N GLN B 28 -4.55 -19.96 -7.17
CA GLN B 28 -5.66 -20.57 -7.89
C GLN B 28 -6.64 -21.27 -6.97
N GLY B 29 -6.27 -21.50 -5.70
CA GLY B 29 -7.21 -22.03 -4.74
C GLY B 29 -8.40 -21.13 -4.50
N ILE B 30 -8.27 -19.84 -4.76
CA ILE B 30 -9.38 -18.91 -4.67
C ILE B 30 -10.20 -19.04 -5.94
N THR B 31 -11.20 -19.93 -5.92
CA THR B 31 -11.86 -20.34 -7.14
C THR B 31 -12.81 -19.27 -7.65
N LYS B 32 -13.21 -19.43 -8.90
CA LYS B 32 -14.09 -18.46 -9.55
C LYS B 32 -15.41 -18.24 -8.82
N PRO B 33 -16.14 -19.27 -8.37
CA PRO B 33 -17.35 -19.01 -7.59
C PRO B 33 -17.09 -18.21 -6.32
N ALA B 34 -15.93 -18.35 -5.69
CA ALA B 34 -15.64 -17.53 -4.51
C ALA B 34 -15.59 -16.05 -4.88
N ILE B 35 -14.90 -15.71 -5.98
CA ILE B 35 -14.87 -14.32 -6.43
C ILE B 35 -16.26 -13.86 -6.82
N ARG B 36 -17.04 -14.74 -7.44
CA ARG B 36 -18.40 -14.37 -7.81
C ARG B 36 -19.24 -14.05 -6.57
N ARG B 37 -19.12 -14.88 -5.52
CA ARG B 37 -19.87 -14.62 -4.29
C ARG B 37 -19.41 -13.32 -3.64
N LEU B 38 -18.11 -13.05 -3.65
CA LEU B 38 -17.62 -11.79 -3.10
C LEU B 38 -18.18 -10.60 -3.86
N ALA B 39 -18.22 -10.70 -5.19
CA ALA B 39 -18.80 -9.63 -5.99
C ALA B 39 -20.28 -9.45 -5.70
N ARG B 40 -21.02 -10.56 -5.56
CA ARG B 40 -22.44 -10.46 -5.23
C ARG B 40 -22.64 -9.76 -3.90
N ARG B 41 -21.83 -10.11 -2.90
CA ARG B 41 -21.89 -9.40 -1.62
C ARG B 41 -21.56 -7.92 -1.80
N GLY B 42 -20.63 -7.61 -2.71
CA GLY B 42 -20.34 -6.23 -3.02
C GLY B 42 -21.42 -5.53 -3.82
N GLY B 43 -22.40 -6.27 -4.34
CA GLY B 43 -23.48 -5.68 -5.09
C GLY B 43 -23.16 -5.44 -6.54
N VAL B 44 -22.76 -6.49 -7.25
CA VAL B 44 -22.43 -6.41 -8.66
C VAL B 44 -23.31 -7.38 -9.43
N LYS B 45 -23.89 -6.92 -10.53
CA LYS B 45 -24.83 -7.74 -11.30
C LYS B 45 -24.12 -8.68 -12.24
N ARG B 46 -23.25 -8.15 -13.11
CA ARG B 46 -22.54 -8.96 -14.10
C ARG B 46 -21.04 -8.84 -13.88
N ILE B 47 -20.33 -9.94 -14.14
CA ILE B 47 -18.89 -10.00 -13.94
C ILE B 47 -18.23 -10.35 -15.27
N SER B 48 -17.23 -9.57 -15.67
CA SER B 48 -16.47 -9.93 -16.86
C SER B 48 -15.52 -11.08 -16.55
N GLY B 49 -15.17 -11.82 -17.60
CA GLY B 49 -14.29 -12.97 -17.42
C GLY B 49 -12.89 -12.61 -17.01
N LEU B 50 -12.43 -11.40 -17.34
CA LEU B 50 -11.09 -10.96 -17.01
C LEU B 50 -10.95 -10.53 -15.56
N ILE B 51 -12.07 -10.41 -14.83
CA ILE B 51 -12.00 -9.96 -13.44
C ILE B 51 -11.24 -10.97 -12.59
N TYR B 52 -11.55 -12.26 -12.74
CA TYR B 52 -11.10 -13.26 -11.78
C TYR B 52 -9.59 -13.25 -11.59
N GLU B 53 -8.85 -13.55 -12.66
CA GLU B 53 -7.39 -13.46 -12.55
C GLU B 53 -6.98 -12.13 -11.96
N GLU B 54 -7.52 -11.03 -12.49
CA GLU B 54 -7.18 -9.71 -11.99
C GLU B 54 -7.37 -9.63 -10.49
N THR B 55 -8.56 -10.00 -9.99
CA THR B 55 -8.76 -9.84 -8.55
C THR B 55 -7.83 -10.75 -7.77
N ARG B 56 -7.60 -11.97 -8.26
CA ARG B 56 -6.63 -12.83 -7.59
C ARG B 56 -5.33 -12.07 -7.40
N GLY B 57 -4.85 -11.42 -8.45
CA GLY B 57 -3.64 -10.61 -8.34
C GLY B 57 -3.69 -9.69 -7.14
N VAL B 58 -4.68 -8.80 -7.10
CA VAL B 58 -4.67 -7.82 -6.02
C VAL B 58 -4.81 -8.52 -4.68
N LEU B 59 -5.61 -9.60 -4.63
CA LEU B 59 -5.71 -10.36 -3.40
C LEU B 59 -4.33 -10.78 -2.91
N LYS B 60 -3.55 -11.41 -3.80
CA LYS B 60 -2.20 -11.82 -3.43
C LYS B 60 -1.41 -10.62 -2.91
N VAL B 61 -1.46 -9.50 -3.63
CA VAL B 61 -0.71 -8.33 -3.22
C VAL B 61 -1.11 -7.93 -1.81
N PHE B 62 -2.43 -7.92 -1.54
CA PHE B 62 -2.88 -7.53 -0.22
C PHE B 62 -2.26 -8.40 0.85
N LEU B 63 -2.25 -9.73 0.63
CA LEU B 63 -1.66 -10.61 1.62
C LEU B 63 -0.18 -10.31 1.79
N GLU B 64 0.52 -10.05 0.68
CA GLU B 64 1.94 -9.75 0.79
C GLU B 64 2.17 -8.47 1.59
N ASN B 65 1.20 -7.55 1.55
CA ASN B 65 1.34 -6.32 2.33
C ASN B 65 1.06 -6.58 3.80
N VAL B 66 0.23 -7.59 4.10
CA VAL B 66 -0.13 -7.83 5.49
C VAL B 66 0.79 -8.85 6.11
N ILE B 67 0.89 -10.04 5.51
CA ILE B 67 1.60 -11.16 6.12
C ILE B 67 3.03 -10.79 6.47
N ARG B 68 3.76 -10.14 5.56
CA ARG B 68 5.11 -9.72 5.86
C ARG B 68 5.17 -8.94 7.16
N ASP B 69 4.32 -7.92 7.30
CA ASP B 69 4.28 -7.16 8.54
C ASP B 69 4.04 -8.07 9.72
N ALA B 70 3.05 -8.97 9.62
CA ALA B 70 2.82 -9.94 10.67
C ALA B 70 4.09 -10.73 10.95
N VAL B 71 4.72 -11.25 9.90
CA VAL B 71 5.96 -11.99 10.09
C VAL B 71 7.01 -11.09 10.72
N THR B 72 7.05 -9.82 10.30
CA THR B 72 7.99 -8.88 10.89
C THR B 72 7.76 -8.76 12.40
N TYR B 73 6.50 -8.79 12.82
CA TYR B 73 6.23 -8.85 14.26
C TYR B 73 6.66 -10.18 14.84
N THR B 74 6.32 -11.29 14.17
CA THR B 74 6.57 -12.61 14.74
C THR B 74 8.05 -12.85 14.93
N GLU B 75 8.87 -12.52 13.92
CA GLU B 75 10.30 -12.68 14.07
C GLU B 75 10.90 -11.66 15.03
N HIS B 76 10.17 -10.58 15.32
CA HIS B 76 10.67 -9.61 16.30
C HIS B 76 10.66 -10.18 17.71
N ALA B 77 9.58 -10.86 18.08
CA ALA B 77 9.47 -11.46 19.39
C ALA B 77 10.21 -12.79 19.48
N LYS B 78 10.92 -13.18 18.42
CA LYS B 78 11.67 -14.44 18.37
C LYS B 78 10.75 -15.64 18.51
N ARG B 79 9.47 -15.45 18.25
CA ARG B 79 8.51 -16.54 18.22
C ARG B 79 8.43 -17.13 16.82
N LYS B 80 8.02 -18.39 16.75
CA LYS B 80 7.89 -19.10 15.48
C LYS B 80 6.44 -19.36 15.10
N THR B 81 5.48 -18.89 15.90
CA THR B 81 4.07 -19.01 15.60
C THR B 81 3.48 -17.62 15.38
N VAL B 82 2.85 -17.41 14.24
CA VAL B 82 2.22 -16.13 13.91
C VAL B 82 0.87 -16.12 14.62
N THR B 83 0.78 -15.39 15.74
CA THR B 83 -0.45 -15.35 16.50
C THR B 83 -1.45 -14.39 15.86
N ALA B 84 -2.67 -14.39 16.39
CA ALA B 84 -3.71 -13.52 15.87
C ALA B 84 -3.38 -12.05 16.11
N MET B 85 -2.79 -11.72 17.26
CA MET B 85 -2.47 -10.33 17.56
C MET B 85 -1.46 -9.77 16.56
N ASP B 86 -0.54 -10.60 16.07
CA ASP B 86 0.38 -10.14 15.03
C ASP B 86 -0.38 -9.71 13.78
N VAL B 87 -1.37 -10.50 13.36
CA VAL B 87 -2.15 -10.14 12.20
C VAL B 87 -2.98 -8.89 12.47
N VAL B 88 -3.50 -8.76 13.68
CA VAL B 88 -4.31 -7.58 14.02
C VAL B 88 -3.45 -6.33 13.95
N TYR B 89 -2.24 -6.38 14.50
CA TYR B 89 -1.34 -5.23 14.45
C TYR B 89 -0.87 -4.95 13.02
N ALA B 90 -0.65 -5.99 12.22
CA ALA B 90 -0.28 -5.77 10.83
C ALA B 90 -1.40 -5.08 10.07
N LEU B 91 -2.65 -5.47 10.31
CA LEU B 91 -3.79 -4.79 9.71
C LEU B 91 -3.89 -3.35 10.20
N LYS B 92 -3.69 -3.12 11.49
CA LYS B 92 -3.70 -1.77 12.02
C LYS B 92 -2.60 -0.90 11.43
N ARG B 93 -1.51 -1.51 10.97
CA ARG B 93 -0.47 -0.76 10.28
C ARG B 93 -1.01 -0.15 8.99
N GLN B 94 -1.78 -0.92 8.23
CA GLN B 94 -2.34 -0.46 6.97
C GLN B 94 -3.57 0.42 7.14
N GLY B 95 -3.85 0.88 8.35
CA GLY B 95 -5.08 1.64 8.57
C GLY B 95 -6.32 0.84 8.26
N ARG B 96 -6.32 -0.43 8.63
CA ARG B 96 -7.40 -1.36 8.33
C ARG B 96 -7.77 -2.16 9.58
N THR B 97 -8.00 -1.43 10.68
CA THR B 97 -8.16 -2.05 11.98
C THR B 97 -9.27 -3.09 11.97
N LEU B 98 -9.01 -4.23 12.59
CA LEU B 98 -9.95 -5.35 12.65
C LEU B 98 -10.36 -5.59 14.09
N TYR B 99 -11.66 -5.79 14.31
CA TYR B 99 -12.22 -6.04 15.62
C TYR B 99 -12.59 -7.51 15.76
N GLY B 100 -12.62 -7.98 17.00
CA GLY B 100 -13.07 -9.31 17.33
C GLY B 100 -11.97 -10.31 17.61
N PHE B 101 -10.73 -10.02 17.22
CA PHE B 101 -9.60 -10.92 17.41
C PHE B 101 -8.66 -10.29 18.43
N GLY B 102 -8.84 -10.68 19.69
CA GLY B 102 -7.97 -10.18 20.73
C GLY B 102 -8.15 -8.69 20.99
N GLY B 103 -7.14 -8.11 21.62
CA GLY B 103 -7.17 -6.69 21.96
C GLY B 103 -6.35 -6.38 23.19
N ALA C 13 40.32 11.09 26.54
CA ALA C 13 39.72 12.33 26.08
C ALA C 13 40.06 12.60 24.62
N LYS C 14 39.85 11.60 23.77
CA LYS C 14 40.14 11.73 22.35
C LYS C 14 39.13 12.67 21.69
N ALA C 15 39.54 13.24 20.55
CA ALA C 15 38.71 14.17 19.80
C ALA C 15 37.69 13.40 18.95
N LYS C 16 36.85 12.64 19.63
CA LYS C 16 35.84 11.81 18.97
C LYS C 16 34.58 11.79 19.84
N THR C 17 33.49 12.33 19.31
CA THR C 17 32.20 12.19 19.96
C THR C 17 31.55 10.88 19.51
N ARG C 18 30.40 10.56 20.09
CA ARG C 18 29.74 9.29 19.78
C ARG C 18 29.32 9.25 18.31
N SER C 19 28.79 10.35 17.78
CA SER C 19 28.44 10.40 16.37
C SER C 19 29.67 10.23 15.49
N SER C 20 30.76 10.92 15.83
CA SER C 20 32.00 10.75 15.07
C SER C 20 32.55 9.34 15.21
N ARG C 21 32.48 8.77 16.41
CA ARG C 21 32.94 7.40 16.61
C ARG C 21 32.13 6.42 15.76
N ALA C 22 30.82 6.63 15.70
CA ALA C 22 29.96 5.81 14.84
C ALA C 22 30.10 6.17 13.37
N GLY C 23 30.83 7.23 13.04
CA GLY C 23 30.97 7.65 11.65
C GLY C 23 29.68 8.15 11.05
N LEU C 24 28.90 8.91 11.82
CA LEU C 24 27.63 9.46 11.37
C LEU C 24 27.69 10.98 11.45
N GLN C 25 27.26 11.64 10.38
CA GLN C 25 27.17 13.10 10.40
C GLN C 25 26.08 13.58 11.34
N PHE C 26 24.97 12.84 11.42
CA PHE C 26 23.88 13.24 12.29
C PHE C 26 24.28 13.11 13.76
N PRO C 27 23.71 13.94 14.62
CA PRO C 27 24.07 13.91 16.05
C PRO C 27 23.35 12.77 16.77
N VAL C 28 24.11 11.76 17.17
CA VAL C 28 23.51 10.67 17.92
C VAL C 28 23.08 11.13 19.30
N GLY C 29 23.81 12.09 19.88
CA GLY C 29 23.43 12.61 21.18
C GLY C 29 22.09 13.31 21.16
N ARG C 30 21.85 14.13 20.14
CA ARG C 30 20.55 14.78 20.02
C ARG C 30 19.44 13.76 19.84
N VAL C 31 19.70 12.71 19.05
CA VAL C 31 18.70 11.67 18.86
C VAL C 31 18.40 10.95 20.17
N HIS C 32 19.43 10.66 20.96
CA HIS C 32 19.22 10.02 22.25
C HIS C 32 18.42 10.92 23.19
N ARG C 33 18.74 12.21 23.20
CA ARG C 33 17.99 13.14 24.05
C ARG C 33 16.54 13.24 23.61
N LEU C 34 16.29 13.23 22.31
CA LEU C 34 14.92 13.29 21.81
C LEU C 34 14.17 12.00 22.18
N LEU C 35 14.82 10.86 22.06
CA LEU C 35 14.17 9.60 22.42
C LEU C 35 13.81 9.58 23.90
N ARG C 36 14.72 10.02 24.77
CA ARG C 36 14.40 10.06 26.19
C ARG C 36 13.30 11.07 26.48
N LYS C 37 13.35 12.24 25.83
CA LYS C 37 12.34 13.27 26.06
C LYS C 37 11.01 12.92 25.42
N GLY C 38 11.01 12.07 24.40
CA GLY C 38 9.77 11.68 23.78
C GLY C 38 8.99 10.62 24.52
N ASN C 39 9.53 10.13 25.63
CA ASN C 39 8.93 9.09 26.48
C ASN C 39 8.29 7.99 25.62
N TYR C 40 9.04 7.53 24.63
CA TYR C 40 8.59 6.38 23.84
C TYR C 40 8.71 5.09 24.64
N ALA C 41 9.62 5.06 25.62
CA ALA C 41 9.76 3.94 26.51
C ALA C 41 10.42 4.42 27.79
N GLU C 42 10.33 3.59 28.84
CA GLU C 42 10.96 3.94 30.10
C GLU C 42 12.48 4.01 29.95
N ARG C 43 13.06 3.10 29.19
CA ARG C 43 14.50 3.04 28.99
C ARG C 43 14.82 3.02 27.51
N VAL C 44 15.98 3.58 27.17
CA VAL C 44 16.46 3.63 25.79
C VAL C 44 17.81 2.93 25.74
N GLY C 45 17.96 2.01 24.80
CA GLY C 45 19.18 1.26 24.68
C GLY C 45 20.34 2.12 24.21
N ALA C 46 21.55 1.60 24.41
CA ALA C 46 22.75 2.33 24.03
C ALA C 46 22.85 2.47 22.51
N GLY C 47 22.61 1.38 21.78
CA GLY C 47 22.74 1.41 20.34
C GLY C 47 21.53 1.91 19.59
N ALA C 48 20.42 2.13 20.28
CA ALA C 48 19.22 2.63 19.60
C ALA C 48 19.41 4.02 18.99
N PRO C 49 19.94 5.01 19.70
CA PRO C 49 20.17 6.32 19.04
C PRO C 49 21.14 6.22 17.88
N VAL C 50 22.18 5.38 17.99
CA VAL C 50 23.13 5.24 16.89
C VAL C 50 22.42 4.66 15.67
N TYR C 51 21.62 3.62 15.88
CA TYR C 51 20.90 3.01 14.76
C TYR C 51 19.93 3.99 14.12
N LEU C 52 19.21 4.75 14.95
CA LEU C 52 18.24 5.70 14.42
C LEU C 52 18.93 6.81 13.65
N ALA C 53 20.04 7.33 14.18
CA ALA C 53 20.80 8.35 13.46
C ALA C 53 21.33 7.82 12.15
N ALA C 54 21.81 6.58 12.14
CA ALA C 54 22.31 6.00 10.89
C ALA C 54 21.19 5.88 9.85
N VAL C 55 20.01 5.44 10.28
CA VAL C 55 18.90 5.31 9.33
C VAL C 55 18.50 6.68 8.80
N LEU C 56 18.39 7.67 9.69
CA LEU C 56 18.04 9.02 9.25
C LEU C 56 19.07 9.59 8.29
N GLU C 57 20.35 9.39 8.60
CA GLU C 57 21.41 9.89 7.72
C GLU C 57 21.37 9.21 6.36
N TYR C 58 21.12 7.90 6.34
CA TYR C 58 21.03 7.21 5.05
C TYR C 58 19.87 7.74 4.23
N LEU C 59 18.70 7.91 4.85
CA LEU C 59 17.55 8.42 4.11
C LEU C 59 17.82 9.84 3.61
N THR C 60 18.43 10.68 4.44
CA THR C 60 18.76 12.03 4.03
C THR C 60 19.74 12.03 2.87
N ALA C 61 20.76 11.17 2.94
CA ALA C 61 21.73 11.08 1.86
C ALA C 61 21.06 10.64 0.56
N GLU C 62 20.16 9.65 0.63
CA GLU C 62 19.48 9.19 -0.57
C GLU C 62 18.65 10.30 -1.19
N ILE C 63 17.82 10.96 -0.37
CA ILE C 63 16.93 11.97 -0.93
C ILE C 63 17.72 13.19 -1.42
N LEU C 64 18.80 13.56 -0.72
CA LEU C 64 19.62 14.66 -1.18
C LEU C 64 20.33 14.33 -2.49
N GLU C 65 20.82 13.09 -2.62
CA GLU C 65 21.46 12.69 -3.87
C GLU C 65 20.47 12.75 -5.03
N LEU C 66 19.25 12.24 -4.82
CA LEU C 66 18.26 12.30 -5.88
C LEU C 66 17.88 13.74 -6.21
N ALA C 67 17.72 14.59 -5.20
CA ALA C 67 17.38 15.99 -5.45
C ALA C 67 18.50 16.70 -6.20
N GLY C 68 19.76 16.43 -5.85
CA GLY C 68 20.86 17.03 -6.56
C GLY C 68 20.94 16.57 -8.00
N ASN C 69 20.68 15.28 -8.23
CA ASN C 69 20.63 14.78 -9.60
C ASN C 69 19.54 15.48 -10.40
N ALA C 70 18.36 15.67 -9.79
CA ALA C 70 17.29 16.38 -10.47
C ALA C 70 17.69 17.83 -10.75
N ALA C 71 18.33 18.48 -9.78
CA ALA C 71 18.74 19.87 -9.96
C ALA C 71 19.76 20.01 -11.09
N ARG C 72 20.74 19.11 -11.15
CA ARG C 72 21.71 19.16 -12.24
C ARG C 72 21.03 18.88 -13.58
N ASP C 73 20.09 17.94 -13.59
CA ASP C 73 19.29 17.72 -14.80
C ASP C 73 18.45 18.93 -15.15
N ASN C 74 18.13 19.79 -14.18
CA ASN C 74 17.41 21.03 -14.42
C ASN C 74 18.34 22.20 -14.71
N LYS C 75 19.65 21.93 -14.82
CA LYS C 75 20.64 22.96 -15.15
C LYS C 75 20.64 24.09 -14.12
N LYS C 76 20.44 23.74 -12.86
CA LYS C 76 20.46 24.69 -11.76
C LYS C 76 21.38 24.16 -10.66
N THR C 77 22.16 25.08 -10.07
CA THR C 77 23.14 24.72 -9.05
C THR C 77 22.57 24.70 -7.64
N ARG C 78 21.30 25.03 -7.47
CA ARG C 78 20.66 25.07 -6.16
C ARG C 78 19.54 24.04 -6.11
N ILE C 79 19.30 23.50 -4.91
CA ILE C 79 18.23 22.55 -4.68
C ILE C 79 17.03 23.30 -4.13
N ILE C 80 15.90 23.21 -4.82
CA ILE C 80 14.69 23.94 -4.47
C ILE C 80 13.58 22.93 -4.21
N PRO C 81 12.48 23.33 -3.55
CA PRO C 81 11.41 22.35 -3.27
C PRO C 81 10.89 21.63 -4.51
N ARG C 82 10.94 22.28 -5.68
CA ARG C 82 10.56 21.58 -6.90
C ARG C 82 11.46 20.38 -7.15
N HIS C 83 12.77 20.53 -6.94
CA HIS C 83 13.69 19.42 -7.12
C HIS C 83 13.41 18.31 -6.11
N LEU C 84 13.13 18.68 -4.86
CA LEU C 84 12.80 17.67 -3.86
C LEU C 84 11.55 16.89 -4.24
N GLN C 85 10.52 17.60 -4.70
CA GLN C 85 9.29 16.93 -5.12
C GLN C 85 9.54 16.00 -6.31
N LEU C 86 10.33 16.46 -7.28
CA LEU C 86 10.64 15.61 -8.44
C LEU C 86 11.39 14.36 -7.99
N ALA C 87 12.38 14.52 -7.11
CA ALA C 87 13.15 13.37 -6.66
C ALA C 87 12.28 12.40 -5.88
N VAL C 88 11.39 12.90 -5.03
CA VAL C 88 10.55 12.02 -4.23
C VAL C 88 9.56 11.28 -5.12
N ARG C 89 8.88 12.00 -6.01
CA ARG C 89 7.85 11.38 -6.82
C ARG C 89 8.41 10.43 -7.87
N ASN C 90 9.54 10.78 -8.50
CA ASN C 90 10.12 9.89 -9.51
C ASN C 90 10.55 8.57 -8.90
N ASP C 91 11.16 8.60 -7.72
CA ASP C 91 11.52 7.37 -7.04
C ASP C 91 10.28 6.61 -6.63
N GLU C 92 10.39 5.28 -6.60
CA GLU C 92 9.25 4.45 -6.23
C GLU C 92 9.16 4.25 -4.72
N GLU C 93 10.25 3.80 -4.09
CA GLU C 93 10.25 3.57 -2.66
C GLU C 93 10.01 4.86 -1.89
N LEU C 94 10.65 5.95 -2.31
CA LEU C 94 10.44 7.24 -1.65
C LEU C 94 9.00 7.70 -1.81
N ASN C 95 8.42 7.53 -2.99
CA ASN C 95 7.04 7.93 -3.21
C ASN C 95 6.10 7.13 -2.31
N LYS C 96 6.32 5.82 -2.20
CA LYS C 96 5.50 5.01 -1.31
C LYS C 96 5.67 5.43 0.14
N LEU C 97 6.90 5.71 0.57
CA LEU C 97 7.14 6.18 1.92
C LEU C 97 6.49 7.53 2.16
N LEU C 98 6.56 8.42 1.16
CA LEU C 98 6.05 9.78 1.26
C LEU C 98 4.76 9.96 0.47
N GLY C 99 3.92 8.93 0.47
CA GLY C 99 2.67 9.02 -0.28
C GLY C 99 1.69 10.01 0.31
N ARG C 100 1.60 10.07 1.63
CA ARG C 100 0.60 10.88 2.32
C ARG C 100 1.18 12.20 2.81
N VAL C 101 2.13 12.79 2.10
CA VAL C 101 2.75 14.04 2.50
C VAL C 101 2.74 15.01 1.32
N THR C 102 2.54 16.28 1.60
CA THR C 102 2.57 17.34 0.60
C THR C 102 3.82 18.18 0.79
N ILE C 103 4.54 18.42 -0.30
CA ILE C 103 5.74 19.25 -0.28
C ILE C 103 5.36 20.66 -0.73
N ALA C 104 5.64 21.65 0.11
CA ALA C 104 5.28 23.03 -0.20
C ALA C 104 6.05 23.51 -1.43
N GLN C 105 5.33 24.18 -2.33
CA GLN C 105 5.89 24.69 -3.59
C GLN C 105 6.56 23.58 -4.39
N GLY C 106 6.06 22.34 -4.26
CA GLY C 106 6.65 21.22 -4.95
C GLY C 106 6.13 21.00 -6.34
N GLY C 107 4.92 21.47 -6.62
CA GLY C 107 4.33 21.21 -7.91
C GLY C 107 3.96 19.74 -8.06
N VAL C 108 3.78 19.35 -9.32
CA VAL C 108 3.43 17.97 -9.66
C VAL C 108 4.34 17.51 -10.79
N LEU C 109 4.37 16.19 -10.98
CA LEU C 109 5.13 15.62 -12.08
C LEU C 109 4.49 16.01 -13.41
N PRO C 110 5.28 16.47 -14.38
CA PRO C 110 4.73 16.81 -15.70
C PRO C 110 4.30 15.55 -16.44
N ASN C 111 2.99 15.37 -16.57
CA ASN C 111 2.43 14.22 -17.25
C ASN C 111 1.27 14.65 -18.14
N ILE C 112 1.19 14.03 -19.32
CA ILE C 112 0.09 14.23 -20.25
C ILE C 112 -0.46 12.85 -20.60
N GLN C 113 -1.78 12.70 -20.45
CA GLN C 113 -2.40 11.40 -20.70
C GLN C 113 -2.34 11.05 -22.18
N SER C 114 -2.24 9.74 -22.45
CA SER C 114 -2.13 9.28 -23.83
C SER C 114 -3.38 9.63 -24.63
N VAL C 115 -4.57 9.46 -24.04
CA VAL C 115 -5.80 9.84 -24.73
C VAL C 115 -5.85 11.34 -24.95
N LEU C 116 -5.32 12.11 -24.00
CA LEU C 116 -5.28 13.57 -24.16
C LEU C 116 -4.42 13.97 -25.34
N LEU C 117 -3.27 13.33 -25.51
CA LEU C 117 -2.37 13.69 -26.61
C LEU C 117 -2.97 13.25 -27.93
N PRO C 118 -3.15 14.16 -28.89
CA PRO C 118 -3.70 13.76 -30.20
C PRO C 118 -2.80 12.76 -30.91
N LYS C 119 -3.42 11.87 -31.66
CA LYS C 119 -2.71 10.84 -32.43
C LYS C 119 -1.80 10.00 -31.54
N LYS D 29 15.73 32.24 26.47
CA LYS D 29 15.70 31.97 25.03
C LYS D 29 15.64 30.47 24.77
N THR D 30 14.62 30.04 24.03
CA THR D 30 14.42 28.64 23.68
C THR D 30 14.58 28.52 22.16
N ARG D 31 15.82 28.33 21.73
CA ARG D 31 16.10 28.15 20.31
C ARG D 31 15.55 26.82 19.82
N LYS D 32 14.81 26.86 18.71
CA LYS D 32 14.25 25.63 18.16
C LYS D 32 15.36 24.83 17.47
N GLU D 33 15.47 23.55 17.83
CA GLU D 33 16.50 22.70 17.25
C GLU D 33 16.16 22.36 15.81
N SER D 34 17.19 22.34 14.96
CA SER D 34 17.01 22.03 13.55
C SER D 34 18.18 21.19 13.08
N TYR D 35 17.96 20.45 11.99
CA TYR D 35 18.96 19.58 11.39
C TYR D 35 19.66 20.25 10.21
N ALA D 36 19.72 21.59 10.21
CA ALA D 36 20.29 22.29 9.07
C ALA D 36 21.77 21.96 8.88
N ILE D 37 22.54 21.99 9.97
CA ILE D 37 23.98 21.78 9.87
C ILE D 37 24.29 20.38 9.36
N TYR D 38 23.63 19.37 9.93
CA TYR D 38 23.96 17.99 9.58
C TYR D 38 23.49 17.62 8.19
N VAL D 39 22.28 18.07 7.81
CA VAL D 39 21.82 17.83 6.44
C VAL D 39 22.71 18.56 5.45
N TYR D 40 23.17 19.77 5.80
CA TYR D 40 24.09 20.49 4.93
C TYR D 40 25.41 19.74 4.78
N LYS D 41 25.92 19.16 5.87
CA LYS D 41 27.13 18.36 5.78
C LYS D 41 26.92 17.14 4.89
N VAL D 42 25.78 16.47 5.04
CA VAL D 42 25.49 15.31 4.20
C VAL D 42 25.43 15.71 2.73
N LEU D 43 24.78 16.84 2.45
CA LEU D 43 24.66 17.30 1.08
C LEU D 43 26.03 17.63 0.48
N LYS D 44 26.84 18.39 1.20
CA LYS D 44 28.17 18.71 0.69
C LYS D 44 29.08 17.49 0.65
N GLN D 45 28.73 16.41 1.35
CA GLN D 45 29.48 15.18 1.20
C GLN D 45 29.04 14.40 -0.03
N VAL D 46 27.75 14.43 -0.37
CA VAL D 46 27.27 13.71 -1.55
C VAL D 46 27.26 14.58 -2.80
N HIS D 47 27.06 15.89 -2.67
CA HIS D 47 27.10 16.80 -3.81
C HIS D 47 27.84 18.06 -3.39
N PRO D 48 29.18 18.04 -3.46
CA PRO D 48 29.96 19.13 -2.86
C PRO D 48 29.87 20.46 -3.60
N ASP D 49 29.12 20.54 -4.70
CA ASP D 49 29.06 21.76 -5.49
C ASP D 49 27.68 22.39 -5.58
N THR D 50 26.65 21.74 -5.05
CA THR D 50 25.29 22.24 -5.16
C THR D 50 24.80 22.73 -3.80
N GLY D 51 24.32 23.97 -3.76
CA GLY D 51 23.71 24.51 -2.56
C GLY D 51 22.25 24.12 -2.45
N ILE D 52 21.65 24.47 -1.32
CA ILE D 52 20.27 24.14 -1.02
C ILE D 52 19.54 25.40 -0.58
N SER D 53 18.37 25.65 -1.17
CA SER D 53 17.57 26.80 -0.79
C SER D 53 17.03 26.64 0.63
N SER D 54 16.78 27.78 1.28
CA SER D 54 16.30 27.76 2.66
C SER D 54 14.97 27.05 2.79
N LYS D 55 14.07 27.25 1.82
CA LYS D 55 12.80 26.54 1.84
C LYS D 55 13.02 25.04 1.72
N ALA D 56 13.92 24.61 0.83
CA ALA D 56 14.25 23.21 0.72
C ALA D 56 14.91 22.69 1.99
N MET D 57 15.72 23.52 2.65
CA MET D 57 16.31 23.12 3.92
C MET D 57 15.23 22.88 4.97
N SER D 58 14.24 23.76 5.04
CA SER D 58 13.14 23.57 5.97
C SER D 58 12.34 22.31 5.63
N ILE D 59 12.12 22.06 4.34
CA ILE D 59 11.41 20.86 3.94
C ILE D 59 12.17 19.61 4.35
N MET D 60 13.49 19.60 4.14
CA MET D 60 14.30 18.46 4.54
C MET D 60 14.28 18.28 6.06
N ASN D 61 14.34 19.37 6.81
CA ASN D 61 14.28 19.26 8.27
C ASN D 61 12.94 18.68 8.70
N SER D 62 11.85 19.13 8.07
CA SER D 62 10.54 18.58 8.38
C SER D 62 10.47 17.09 8.04
N PHE D 63 11.06 16.70 6.91
CA PHE D 63 11.07 15.30 6.52
C PHE D 63 11.83 14.45 7.53
N VAL D 64 12.99 14.93 7.97
CA VAL D 64 13.77 14.18 8.95
C VAL D 64 13.01 14.06 10.27
N ASN D 65 12.37 15.16 10.70
CA ASN D 65 11.59 15.10 11.93
C ASN D 65 10.43 14.11 11.80
N ASP D 66 9.75 14.10 10.66
CA ASP D 66 8.64 13.18 10.46
C ASP D 66 9.11 11.74 10.46
N VAL D 67 10.21 11.45 9.77
CA VAL D 67 10.73 10.09 9.75
C VAL D 67 11.14 9.65 11.16
N PHE D 68 11.81 10.54 11.89
CA PHE D 68 12.20 10.22 13.25
C PHE D 68 10.98 9.93 14.13
N GLU D 69 9.93 10.76 14.01
CA GLU D 69 8.74 10.54 14.81
C GLU D 69 8.07 9.22 14.46
N ARG D 70 7.97 8.91 13.17
CA ARG D 70 7.33 7.66 12.77
C ARG D 70 8.11 6.45 13.27
N ILE D 71 9.43 6.47 13.11
CA ILE D 71 10.24 5.33 13.55
C ILE D 71 10.19 5.19 15.06
N ALA D 72 10.28 6.31 15.78
CA ALA D 72 10.21 6.24 17.24
C ALA D 72 8.86 5.75 17.72
N GLY D 73 7.77 6.19 17.08
CA GLY D 73 6.46 5.71 17.46
C GLY D 73 6.29 4.22 17.20
N GLU D 74 6.77 3.75 16.05
CA GLU D 74 6.71 2.32 15.77
C GLU D 74 7.54 1.53 16.78
N ALA D 75 8.72 2.04 17.13
CA ALA D 75 9.55 1.36 18.13
C ALA D 75 8.85 1.32 19.49
N SER D 76 8.21 2.42 19.88
CA SER D 76 7.50 2.46 21.14
C SER D 76 6.35 1.46 21.16
N ARG D 77 5.57 1.43 20.08
CA ARG D 77 4.46 0.50 20.00
C ARG D 77 4.95 -0.94 20.03
N LEU D 78 6.05 -1.23 19.32
CA LEU D 78 6.61 -2.56 19.31
C LEU D 78 7.17 -2.98 20.67
N ALA D 79 7.77 -2.05 21.41
CA ALA D 79 8.23 -2.37 22.76
C ALA D 79 7.06 -2.64 23.69
N HIS D 80 6.00 -1.82 23.60
CA HIS D 80 4.81 -2.07 24.39
C HIS D 80 4.13 -3.38 24.02
N TYR D 81 4.28 -3.82 22.77
CA TYR D 81 3.67 -5.05 22.30
C TYR D 81 4.19 -6.26 23.08
N ASN D 82 5.50 -6.31 23.32
CA ASN D 82 6.13 -7.45 23.97
C ASN D 82 6.30 -7.25 25.47
N LYS D 83 5.60 -6.27 26.06
CA LYS D 83 5.79 -5.92 27.46
C LYS D 83 7.25 -5.60 27.75
N ARG D 84 7.92 -4.99 26.77
CA ARG D 84 9.33 -4.65 26.85
C ARG D 84 9.45 -3.15 27.12
N SER D 85 10.16 -2.80 28.18
CA SER D 85 10.24 -1.41 28.63
C SER D 85 11.44 -0.66 28.07
N THR D 86 12.28 -1.32 27.28
CA THR D 86 13.51 -0.71 26.76
C THR D 86 13.51 -0.77 25.25
N ILE D 87 13.79 0.37 24.62
CA ILE D 87 13.96 0.44 23.17
C ILE D 87 15.43 0.23 22.85
N THR D 88 15.73 -0.82 22.10
CA THR D 88 17.09 -1.17 21.72
C THR D 88 17.22 -1.13 20.20
N SER D 89 18.42 -1.48 19.72
CA SER D 89 18.66 -1.48 18.29
C SER D 89 17.76 -2.47 17.56
N ARG D 90 17.39 -3.58 18.20
CA ARG D 90 16.52 -4.56 17.57
C ARG D 90 15.16 -3.95 17.25
N GLU D 91 14.59 -3.21 18.20
CA GLU D 91 13.30 -2.56 17.95
C GLU D 91 13.40 -1.53 16.84
N ILE D 92 14.48 -0.75 16.81
CA ILE D 92 14.65 0.24 15.75
C ILE D 92 14.76 -0.44 14.40
N GLN D 93 15.52 -1.53 14.32
CA GLN D 93 15.65 -2.27 13.06
C GLN D 93 14.31 -2.83 12.61
N THR D 94 13.55 -3.41 13.54
CA THR D 94 12.24 -3.95 13.17
C THR D 94 11.30 -2.85 12.72
N ALA D 95 11.32 -1.70 13.40
CA ALA D 95 10.49 -0.58 12.98
C ALA D 95 10.90 -0.07 11.60
N VAL D 96 12.19 -0.03 11.32
CA VAL D 96 12.66 0.36 9.99
C VAL D 96 12.14 -0.60 8.94
N ARG D 97 12.25 -1.91 9.20
CA ARG D 97 11.74 -2.89 8.25
C ARG D 97 10.23 -2.77 8.08
N LEU D 98 9.52 -2.34 9.13
CA LEU D 98 8.08 -2.18 9.03
C LEU D 98 7.70 -0.96 8.21
N LEU D 99 8.39 0.16 8.42
CA LEU D 99 7.99 1.42 7.81
C LEU D 99 8.56 1.60 6.40
N LEU D 100 9.87 1.57 6.27
CA LEU D 100 10.49 1.81 4.98
C LEU D 100 10.11 0.70 4.00
N PRO D 101 9.77 1.04 2.77
CA PRO D 101 9.23 0.04 1.84
C PRO D 101 10.30 -0.79 1.14
N GLY D 102 10.25 -2.10 1.34
CA GLY D 102 11.04 -3.04 0.57
C GLY D 102 12.54 -2.84 0.58
N GLU D 103 13.15 -2.87 -0.61
CA GLU D 103 14.60 -2.89 -0.72
C GLU D 103 15.25 -1.73 0.00
N LEU D 104 14.66 -0.53 -0.11
CA LEU D 104 15.21 0.62 0.59
C LEU D 104 15.44 0.32 2.07
N ALA D 105 14.41 -0.23 2.73
CA ALA D 105 14.54 -0.60 4.14
C ALA D 105 15.77 -1.45 4.36
N LYS D 106 15.96 -2.48 3.54
CA LYS D 106 17.11 -3.36 3.69
C LYS D 106 18.39 -2.55 3.77
N HIS D 107 18.60 -1.65 2.81
CA HIS D 107 19.81 -0.84 2.82
C HIS D 107 19.93 -0.09 4.14
N ALA D 108 18.87 0.61 4.53
CA ALA D 108 18.90 1.33 5.80
C ALA D 108 19.30 0.39 6.93
N VAL D 109 18.67 -0.79 6.98
CA VAL D 109 18.99 -1.73 8.04
C VAL D 109 20.48 -2.04 8.03
N SER D 110 21.02 -2.39 6.86
CA SER D 110 22.45 -2.64 6.76
C SER D 110 23.23 -1.47 7.33
N GLU D 111 22.92 -0.25 6.84
CA GLU D 111 23.61 0.93 7.33
C GLU D 111 23.57 0.98 8.84
N GLY D 112 22.38 0.83 9.42
CA GLY D 112 22.27 0.89 10.87
C GLY D 112 23.18 -0.11 11.54
N THR D 113 23.13 -1.37 11.09
CA THR D 113 24.00 -2.38 11.67
C THR D 113 25.45 -1.96 11.57
N LYS D 114 25.87 -1.50 10.38
CA LYS D 114 27.24 -1.05 10.22
C LYS D 114 27.58 -0.01 11.27
N ALA D 115 26.73 1.01 11.42
CA ALA D 115 27.00 2.05 12.40
C ALA D 115 27.21 1.45 13.78
N VAL D 116 26.30 0.56 14.20
CA VAL D 116 26.42 -0.03 15.53
C VAL D 116 27.76 -0.72 15.66
N THR D 117 28.16 -1.50 14.65
CA THR D 117 29.45 -2.14 14.70
C THR D 117 30.56 -1.11 14.81
N LYS D 118 30.51 -0.08 13.97
CA LYS D 118 31.55 0.94 14.02
C LYS D 118 31.47 1.73 15.33
N TYR D 119 30.31 1.68 15.98
CA TYR D 119 30.18 2.34 17.27
C TYR D 119 30.75 1.48 18.40
N THR D 120 30.78 0.16 18.21
CA THR D 120 31.09 -0.72 19.32
C THR D 120 32.56 -1.15 19.32
N SER D 121 33.11 -1.50 18.16
CA SER D 121 34.42 -2.13 18.10
C SER D 121 35.46 -1.35 17.33
N ALA D 122 35.06 -0.35 16.52
CA ALA D 122 36.02 0.38 15.71
C ALA D 122 37.05 1.10 16.58
N LYS D 123 36.59 1.74 17.65
CA LYS D 123 37.49 2.49 18.54
C LYS D 123 37.88 1.63 19.74
N GLY E 44 -31.28 -12.57 -15.14
CA GLY E 44 -30.82 -11.52 -14.26
C GLY E 44 -31.46 -11.56 -12.88
N THR E 45 -32.63 -12.20 -12.80
CA THR E 45 -33.32 -12.30 -11.52
C THR E 45 -32.52 -13.12 -10.53
N VAL E 46 -31.88 -14.19 -10.99
CA VAL E 46 -31.06 -15.03 -10.11
C VAL E 46 -29.90 -14.22 -9.56
N ALA E 47 -29.34 -13.32 -10.37
CA ALA E 47 -28.26 -12.46 -9.89
C ALA E 47 -28.71 -11.59 -8.73
N LEU E 48 -29.90 -10.98 -8.85
CA LEU E 48 -30.42 -10.14 -7.78
C LEU E 48 -30.73 -10.98 -6.54
N ARG E 49 -31.30 -12.17 -6.73
CA ARG E 49 -31.58 -13.05 -5.59
C ARG E 49 -30.30 -13.44 -4.87
N GLU E 50 -29.25 -13.75 -5.63
CA GLU E 50 -27.95 -14.09 -5.05
C GLU E 50 -27.35 -12.91 -4.32
N ILE E 51 -27.47 -11.69 -4.87
CA ILE E 51 -26.95 -10.51 -4.20
C ILE E 51 -27.67 -10.32 -2.86
N ARG E 52 -28.99 -10.45 -2.87
CA ARG E 52 -29.75 -10.30 -1.62
C ARG E 52 -29.36 -11.38 -0.61
N ARG E 53 -29.21 -12.61 -1.07
CA ARG E 53 -28.86 -13.70 -0.16
C ARG E 53 -27.49 -13.47 0.47
N TYR E 54 -26.50 -13.08 -0.33
CA TYR E 54 -25.15 -12.90 0.20
C TYR E 54 -24.95 -11.56 0.91
N GLN E 55 -25.89 -10.63 0.77
CA GLN E 55 -25.83 -9.43 1.60
C GLN E 55 -26.55 -9.60 2.93
N LYS E 56 -27.62 -10.40 2.96
CA LYS E 56 -28.25 -10.72 4.24
C LYS E 56 -27.34 -11.59 5.10
N SER E 57 -26.66 -12.56 4.49
CA SER E 57 -25.79 -13.46 5.22
C SER E 57 -24.49 -12.75 5.60
N THR E 58 -23.72 -13.38 6.49
CA THR E 58 -22.48 -12.79 6.97
C THR E 58 -21.34 -13.80 7.11
N GLU E 59 -21.53 -15.06 6.73
CA GLU E 59 -20.46 -16.03 6.84
C GLU E 59 -19.38 -15.76 5.78
N LEU E 60 -18.25 -16.43 5.94
CA LEU E 60 -17.14 -16.27 5.00
C LEU E 60 -17.47 -16.92 3.66
N LEU E 61 -17.16 -16.22 2.58
CA LEU E 61 -17.47 -16.68 1.24
C LEU E 61 -16.34 -17.48 0.61
N ILE E 62 -15.13 -17.37 1.14
CA ILE E 62 -13.98 -18.10 0.61
C ILE E 62 -13.79 -19.38 1.41
N ARG E 63 -13.55 -20.48 0.71
CA ARG E 63 -13.31 -21.75 1.38
C ARG E 63 -12.09 -21.64 2.29
N LYS E 64 -12.21 -22.18 3.50
CA LYS E 64 -11.20 -21.94 4.53
C LYS E 64 -9.87 -22.61 4.20
N LEU E 65 -9.90 -23.88 3.82
CA LEU E 65 -8.65 -24.60 3.57
C LEU E 65 -7.84 -24.02 2.41
N PRO E 66 -8.43 -23.69 1.26
CA PRO E 66 -7.61 -23.04 0.22
C PRO E 66 -7.00 -21.74 0.68
N PHE E 67 -7.73 -20.92 1.44
CA PHE E 67 -7.16 -19.68 1.94
C PHE E 67 -6.02 -19.93 2.91
N GLN E 68 -6.17 -20.92 3.78
CA GLN E 68 -5.09 -21.26 4.71
C GLN E 68 -3.85 -21.73 3.96
N ARG E 69 -4.05 -22.56 2.93
CA ARG E 69 -2.92 -23.02 2.13
C ARG E 69 -2.25 -21.84 1.41
N LEU E 70 -3.05 -20.92 0.89
CA LEU E 70 -2.50 -19.74 0.23
C LEU E 70 -1.68 -18.90 1.20
N VAL E 71 -2.20 -18.70 2.42
CA VAL E 71 -1.48 -17.91 3.41
C VAL E 71 -0.17 -18.59 3.79
N ARG E 72 -0.20 -19.90 4.01
CA ARG E 72 1.03 -20.60 4.37
C ARG E 72 2.04 -20.55 3.24
N GLU E 73 1.60 -20.68 1.99
CA GLU E 73 2.51 -20.59 0.87
C GLU E 73 3.11 -19.20 0.74
N ILE E 74 2.30 -18.16 0.93
CA ILE E 74 2.80 -16.79 0.83
C ILE E 74 3.82 -16.51 1.92
N ALA E 75 3.52 -16.93 3.15
CA ALA E 75 4.44 -16.70 4.26
C ALA E 75 5.71 -17.52 4.15
N GLN E 76 5.76 -18.50 3.24
CA GLN E 76 6.96 -19.30 3.08
C GLN E 76 8.15 -18.46 2.65
N ASP E 77 7.90 -17.44 1.82
CA ASP E 77 9.00 -16.62 1.31
C ASP E 77 9.72 -15.87 2.42
N PHE E 78 8.97 -15.30 3.36
CA PHE E 78 9.56 -14.42 4.37
C PHE E 78 10.41 -15.22 5.36
N LYS E 79 9.79 -16.13 6.09
CA LYS E 79 10.51 -17.02 6.98
C LYS E 79 10.04 -18.45 6.77
N THR E 80 11.01 -19.37 6.73
CA THR E 80 10.69 -20.76 6.48
C THR E 80 10.02 -21.39 7.71
N ASP E 81 9.21 -22.42 7.45
CA ASP E 81 8.50 -23.21 8.45
C ASP E 81 7.91 -22.38 9.58
N LEU E 82 7.12 -21.37 9.23
CA LEU E 82 6.38 -20.63 10.23
C LEU E 82 5.07 -21.34 10.56
N ARG E 83 4.64 -21.19 11.80
CA ARG E 83 3.39 -21.77 12.28
C ARG E 83 2.35 -20.68 12.46
N PHE E 84 1.09 -21.04 12.24
CA PHE E 84 -0.02 -20.10 12.30
C PHE E 84 -1.05 -20.57 13.32
N GLN E 85 -1.48 -19.66 14.18
CA GLN E 85 -2.66 -19.91 14.98
C GLN E 85 -3.89 -19.91 14.07
N SER E 86 -4.85 -20.79 14.38
CA SER E 86 -6.06 -20.84 13.58
C SER E 86 -6.79 -19.51 13.60
N SER E 87 -6.78 -18.83 14.75
CA SER E 87 -7.40 -17.51 14.84
C SER E 87 -6.70 -16.51 13.93
N ALA E 88 -5.39 -16.62 13.76
CA ALA E 88 -4.68 -15.72 12.86
C ALA E 88 -5.15 -15.91 11.42
N VAL E 89 -5.30 -17.16 11.00
CA VAL E 89 -5.78 -17.44 9.65
C VAL E 89 -7.20 -16.94 9.47
N MET E 90 -8.05 -17.13 10.49
CA MET E 90 -9.41 -16.64 10.40
C MET E 90 -9.45 -15.12 10.30
N ALA E 91 -8.61 -14.43 11.06
CA ALA E 91 -8.54 -12.97 10.98
C ALA E 91 -8.06 -12.52 9.61
N LEU E 92 -7.06 -13.21 9.05
CA LEU E 92 -6.60 -12.88 7.71
C LEU E 92 -7.72 -13.06 6.68
N GLN E 93 -8.50 -14.14 6.81
CA GLN E 93 -9.60 -14.36 5.89
C GLN E 93 -10.67 -13.30 6.03
N GLU E 94 -10.99 -12.90 7.27
CA GLU E 94 -11.96 -11.83 7.48
C GLU E 94 -11.50 -10.53 6.84
N ALA E 95 -10.23 -10.18 7.06
CA ALA E 95 -9.70 -8.94 6.49
C ALA E 95 -9.70 -8.99 4.97
N SER E 96 -9.29 -10.12 4.40
CA SER E 96 -9.26 -10.24 2.94
C SER E 96 -10.65 -10.15 2.35
N GLU E 97 -11.64 -10.81 2.96
CA GLU E 97 -13.00 -10.75 2.45
C GLU E 97 -13.56 -9.33 2.55
N ALA E 98 -13.31 -8.65 3.67
CA ALA E 98 -13.79 -7.27 3.79
C ALA E 98 -13.14 -6.36 2.77
N TYR E 99 -11.82 -6.50 2.58
CA TYR E 99 -11.12 -5.68 1.59
C TYR E 99 -11.65 -5.94 0.18
N LEU E 100 -11.89 -7.21 -0.15
CA LEU E 100 -12.36 -7.54 -1.48
C LEU E 100 -13.78 -7.08 -1.72
N VAL E 101 -14.66 -7.16 -0.71
CA VAL E 101 -16.02 -6.68 -0.92
C VAL E 101 -16.03 -5.15 -1.03
N ALA E 102 -15.19 -4.46 -0.26
CA ALA E 102 -15.09 -3.01 -0.41
C ALA E 102 -14.58 -2.65 -1.81
N LEU E 103 -13.54 -3.34 -2.27
CA LEU E 103 -13.03 -3.11 -3.61
C LEU E 103 -14.08 -3.40 -4.67
N PHE E 104 -14.90 -4.42 -4.47
CA PHE E 104 -15.94 -4.75 -5.44
C PHE E 104 -17.05 -3.71 -5.44
N GLU E 105 -17.39 -3.16 -4.27
CA GLU E 105 -18.32 -2.03 -4.26
C GLU E 105 -17.76 -0.85 -5.03
N ASP E 106 -16.48 -0.55 -4.82
CA ASP E 106 -15.86 0.57 -5.52
C ASP E 106 -15.84 0.34 -7.03
N THR E 107 -15.51 -0.89 -7.45
CA THR E 107 -15.45 -1.16 -8.88
C THR E 107 -16.84 -1.22 -9.50
N ASN E 108 -17.86 -1.59 -8.72
CA ASN E 108 -19.23 -1.50 -9.22
C ASN E 108 -19.63 -0.06 -9.43
N LEU E 109 -19.25 0.83 -8.50
CA LEU E 109 -19.48 2.25 -8.70
C LEU E 109 -18.77 2.75 -9.94
N CYS E 110 -17.53 2.30 -10.15
CA CYS E 110 -16.80 2.69 -11.35
C CYS E 110 -17.52 2.24 -12.62
N ALA E 111 -17.98 0.99 -12.62
CA ALA E 111 -18.64 0.46 -13.81
C ALA E 111 -19.95 1.18 -14.11
N ILE E 112 -20.78 1.39 -13.08
CA ILE E 112 -22.04 2.10 -13.31
C ILE E 112 -21.79 3.54 -13.70
N HIS E 113 -20.64 4.10 -13.30
CA HIS E 113 -20.29 5.45 -13.72
C HIS E 113 -20.05 5.52 -15.22
N ALA E 114 -19.49 4.46 -15.81
CA ALA E 114 -19.18 4.42 -17.23
C ALA E 114 -20.33 3.90 -18.07
N LYS E 115 -21.57 3.98 -17.56
CA LYS E 115 -22.76 3.52 -18.28
C LYS E 115 -22.65 2.05 -18.68
N ARG E 116 -22.06 1.25 -17.80
CA ARG E 116 -21.96 -0.19 -18.02
C ARG E 116 -22.45 -0.93 -16.78
N VAL E 117 -23.01 -2.10 -17.01
CA VAL E 117 -23.50 -2.91 -15.90
C VAL E 117 -22.44 -3.89 -15.42
N THR E 118 -21.76 -4.58 -16.33
CA THR E 118 -20.70 -5.49 -15.95
C THR E 118 -19.47 -4.71 -15.52
N ILE E 119 -18.60 -5.37 -14.76
CA ILE E 119 -17.37 -4.77 -14.27
C ILE E 119 -16.20 -5.35 -15.04
N MET E 120 -15.36 -4.47 -15.57
CA MET E 120 -14.15 -4.84 -16.29
C MET E 120 -12.94 -4.69 -15.37
N PRO E 121 -11.84 -5.38 -15.66
CA PRO E 121 -10.63 -5.20 -14.84
C PRO E 121 -10.12 -3.78 -14.84
N LYS E 122 -10.36 -3.02 -15.92
CA LYS E 122 -10.01 -1.61 -15.91
C LYS E 122 -10.72 -0.87 -14.79
N ASP E 123 -11.97 -1.26 -14.51
CA ASP E 123 -12.70 -0.65 -13.39
C ASP E 123 -12.00 -0.95 -12.06
N ILE E 124 -11.57 -2.20 -11.87
CA ILE E 124 -10.92 -2.57 -10.62
C ILE E 124 -9.62 -1.81 -10.44
N GLN E 125 -8.80 -1.74 -11.49
CA GLN E 125 -7.53 -1.04 -11.36
C GLN E 125 -7.74 0.47 -11.23
N LEU E 126 -8.77 1.04 -11.85
CA LEU E 126 -9.10 2.44 -11.62
C LEU E 126 -9.49 2.68 -10.18
N ALA E 127 -10.31 1.80 -9.61
CA ALA E 127 -10.71 1.95 -8.21
C ALA E 127 -9.50 1.87 -7.29
N ARG E 128 -8.60 0.94 -7.57
CA ARG E 128 -7.37 0.85 -6.77
C ARG E 128 -6.53 2.11 -6.90
N ARG E 129 -6.41 2.62 -8.13
CA ARG E 129 -5.60 3.82 -8.37
C ARG E 129 -6.16 5.04 -7.64
N ILE E 130 -7.48 5.20 -7.67
CA ILE E 130 -8.08 6.44 -7.14
C ILE E 130 -7.83 6.56 -5.64
N ARG E 131 -8.00 5.48 -4.90
CA ARG E 131 -7.75 5.53 -3.46
C ARG E 131 -6.28 5.32 -3.10
N GLY E 132 -5.37 5.52 -4.05
CA GLY E 132 -3.96 5.62 -3.74
C GLY E 132 -3.29 4.32 -3.36
N GLU E 133 -3.79 3.18 -3.83
CA GLU E 133 -3.09 1.92 -3.59
C GLU E 133 -1.87 1.80 -4.50
N ARG E 134 -2.09 1.72 -5.81
CA ARG E 134 -1.02 1.67 -6.80
C ARG E 134 0.00 0.58 -6.49
N ALA E 135 -0.50 -0.60 -6.11
CA ALA E 135 0.36 -1.72 -5.80
C ALA E 135 0.42 -2.72 -6.95
N ARG F 24 -18.14 37.89 4.26
CA ARG F 24 -19.47 37.38 3.94
C ARG F 24 -19.56 36.91 2.50
N ASP F 25 -19.71 35.59 2.32
CA ASP F 25 -19.87 34.96 1.02
C ASP F 25 -18.66 35.28 0.11
N ASN F 26 -17.50 34.81 0.55
CA ASN F 26 -16.26 34.93 -0.20
C ASN F 26 -15.89 33.65 -0.92
N ILE F 27 -16.78 32.66 -0.95
CA ILE F 27 -16.47 31.40 -1.62
C ILE F 27 -16.35 31.61 -3.12
N GLN F 28 -17.17 32.50 -3.69
CA GLN F 28 -17.04 32.81 -5.11
C GLN F 28 -15.78 33.61 -5.41
N GLY F 29 -15.08 34.08 -4.38
CA GLY F 29 -13.76 34.66 -4.60
C GLY F 29 -12.78 33.70 -5.21
N ILE F 30 -13.03 32.39 -5.09
CA ILE F 30 -12.26 31.39 -5.80
C ILE F 30 -12.80 31.35 -7.22
N THR F 31 -12.20 32.15 -8.10
CA THR F 31 -12.83 32.47 -9.37
C THR F 31 -12.70 31.32 -10.36
N LYS F 32 -13.47 31.44 -11.45
CA LYS F 32 -13.47 30.40 -12.47
C LYS F 32 -12.10 30.19 -13.13
N PRO F 33 -11.38 31.23 -13.56
CA PRO F 33 -10.03 30.98 -14.09
C PRO F 33 -9.09 30.35 -13.08
N ALA F 34 -9.25 30.64 -11.78
CA ALA F 34 -8.42 29.96 -10.78
C ALA F 34 -8.70 28.47 -10.76
N ILE F 35 -9.98 28.09 -10.81
CA ILE F 35 -10.35 26.68 -10.86
C ILE F 35 -9.79 26.04 -12.12
N ARG F 36 -9.87 26.77 -13.24
CA ARG F 36 -9.34 26.25 -14.50
C ARG F 36 -7.84 26.03 -14.41
N ARG F 37 -7.12 26.96 -13.80
CA ARG F 37 -5.68 26.81 -13.65
C ARG F 37 -5.34 25.63 -12.75
N LEU F 38 -6.09 25.45 -11.66
CA LEU F 38 -5.87 24.30 -10.80
C LEU F 38 -6.12 23.00 -11.54
N ALA F 39 -7.18 22.94 -12.35
CA ALA F 39 -7.46 21.74 -13.13
C ALA F 39 -6.40 21.49 -14.18
N ARG F 40 -5.88 22.54 -14.82
CA ARG F 40 -4.81 22.37 -15.79
C ARG F 40 -3.55 21.83 -15.13
N ARG F 41 -3.23 22.34 -13.94
CA ARG F 41 -2.15 21.72 -13.17
C ARG F 41 -2.46 20.26 -12.88
N GLY F 42 -3.73 19.95 -12.64
CA GLY F 42 -4.14 18.56 -12.52
C GLY F 42 -4.07 17.81 -13.83
N GLY F 43 -4.15 18.53 -14.95
CA GLY F 43 -4.00 17.91 -16.25
C GLY F 43 -5.31 17.47 -16.90
N VAL F 44 -6.25 18.38 -17.04
CA VAL F 44 -7.52 18.09 -17.69
C VAL F 44 -7.63 18.93 -18.95
N LYS F 45 -8.34 18.39 -19.94
CA LYS F 45 -8.50 19.08 -21.22
C LYS F 45 -9.61 20.12 -21.15
N ARG F 46 -10.84 19.68 -20.91
CA ARG F 46 -12.01 20.55 -20.94
C ARG F 46 -12.76 20.45 -19.63
N ILE F 47 -13.38 21.55 -19.23
CA ILE F 47 -14.04 21.67 -17.94
C ILE F 47 -15.50 22.03 -18.17
N SER F 48 -16.40 21.25 -17.58
CA SER F 48 -17.82 21.57 -17.68
C SER F 48 -18.16 22.79 -16.83
N GLY F 49 -19.19 23.53 -17.26
CA GLY F 49 -19.60 24.71 -16.54
C GLY F 49 -20.08 24.43 -15.13
N LEU F 50 -20.60 23.21 -14.89
CA LEU F 50 -21.06 22.84 -13.57
C LEU F 50 -19.93 22.43 -12.64
N ILE F 51 -18.71 22.29 -13.15
CA ILE F 51 -17.59 21.84 -12.32
C ILE F 51 -17.26 22.88 -11.25
N TYR F 52 -17.38 24.16 -11.58
CA TYR F 52 -16.88 25.21 -10.69
C TYR F 52 -17.64 25.24 -9.37
N GLU F 53 -18.97 25.10 -9.42
CA GLU F 53 -19.76 25.07 -8.18
C GLU F 53 -19.37 23.89 -7.31
N GLU F 54 -19.20 22.72 -7.94
CA GLU F 54 -18.80 21.53 -7.20
C GLU F 54 -17.42 21.72 -6.57
N THR F 55 -16.49 22.30 -7.30
CA THR F 55 -15.15 22.51 -6.77
C THR F 55 -15.16 23.50 -5.61
N ARG F 56 -15.97 24.56 -5.72
CA ARG F 56 -16.10 25.50 -4.62
C ARG F 56 -16.68 24.82 -3.39
N GLY F 57 -17.69 23.99 -3.57
CA GLY F 57 -18.25 23.25 -2.44
C GLY F 57 -17.24 22.31 -1.80
N VAL F 58 -16.48 21.59 -2.63
CA VAL F 58 -15.47 20.67 -2.10
C VAL F 58 -14.39 21.43 -1.35
N LEU F 59 -13.95 22.55 -1.90
CA LEU F 59 -12.96 23.37 -1.21
C LEU F 59 -13.48 23.89 0.11
N LYS F 60 -14.75 24.31 0.15
CA LYS F 60 -15.33 24.77 1.40
C LYS F 60 -15.36 23.64 2.43
N VAL F 61 -15.74 22.44 2.02
CA VAL F 61 -15.80 21.32 2.95
C VAL F 61 -14.41 20.99 3.48
N PHE F 62 -13.43 20.92 2.59
CA PHE F 62 -12.06 20.61 3.01
C PHE F 62 -11.51 21.66 3.95
N LEU F 63 -11.72 22.94 3.63
CA LEU F 63 -11.24 24.01 4.49
C LEU F 63 -11.94 23.99 5.84
N GLU F 64 -13.25 23.70 5.86
CA GLU F 64 -13.93 23.58 7.15
C GLU F 64 -13.33 22.46 7.98
N ASN F 65 -13.08 21.31 7.36
CA ASN F 65 -12.53 20.18 8.11
C ASN F 65 -11.16 20.52 8.68
N VAL F 66 -10.29 21.15 7.89
CA VAL F 66 -8.95 21.46 8.37
C VAL F 66 -9.00 22.55 9.43
N ILE F 67 -9.78 23.60 9.17
CA ILE F 67 -9.82 24.75 10.06
C ILE F 67 -10.46 24.39 11.39
N ARG F 68 -11.44 23.49 11.41
CA ARG F 68 -12.03 23.07 12.67
C ARG F 68 -10.96 22.48 13.59
N ASP F 69 -10.15 21.56 13.06
CA ASP F 69 -9.08 20.97 13.85
C ASP F 69 -8.05 22.00 14.26
N ALA F 70 -7.68 22.90 13.34
CA ALA F 70 -6.70 23.93 13.69
C ALA F 70 -7.21 24.82 14.83
N VAL F 71 -8.48 25.22 14.75
CA VAL F 71 -9.05 26.09 15.78
C VAL F 71 -9.16 25.36 17.10
N THR F 72 -9.50 24.06 17.07
CA THR F 72 -9.53 23.30 18.31
C THR F 72 -8.13 23.21 18.93
N TYR F 73 -7.11 23.02 18.10
CA TYR F 73 -5.74 23.02 18.60
C TYR F 73 -5.41 24.34 19.26
N THR F 74 -5.75 25.46 18.60
CA THR F 74 -5.46 26.76 19.17
C THR F 74 -6.22 26.97 20.48
N GLU F 75 -7.49 26.58 20.53
CA GLU F 75 -8.29 26.73 21.74
C GLU F 75 -7.69 25.95 22.89
N HIS F 76 -7.24 24.72 22.62
CA HIS F 76 -6.54 23.97 23.65
C HIS F 76 -5.28 24.69 24.09
N ALA F 77 -4.54 25.26 23.14
CA ALA F 77 -3.36 26.03 23.48
C ALA F 77 -3.70 27.37 24.12
N LYS F 78 -4.97 27.76 24.12
CA LYS F 78 -5.43 29.03 24.70
C LYS F 78 -4.72 30.21 24.04
N ARG F 79 -4.88 30.29 22.72
CA ARG F 79 -4.32 31.39 21.93
C ARG F 79 -5.38 31.90 20.97
N LYS F 80 -5.31 33.20 20.67
CA LYS F 80 -6.18 33.80 19.67
C LYS F 80 -5.54 33.86 18.29
N THR F 81 -4.31 33.39 18.15
CA THR F 81 -3.60 33.36 16.87
C THR F 81 -3.44 31.93 16.42
N VAL F 82 -3.88 31.65 15.19
CA VAL F 82 -3.76 30.32 14.61
C VAL F 82 -2.40 30.24 13.92
N THR F 83 -1.46 29.52 14.53
CA THR F 83 -0.12 29.41 13.96
C THR F 83 -0.10 28.37 12.85
N ALA F 84 0.95 28.45 12.02
CA ALA F 84 1.13 27.46 10.97
C ALA F 84 1.36 26.07 11.55
N MET F 85 1.94 25.99 12.74
CA MET F 85 2.13 24.70 13.40
C MET F 85 0.78 24.05 13.70
N ASP F 86 -0.21 24.85 14.09
CA ASP F 86 -1.55 24.32 14.30
C ASP F 86 -2.12 23.76 13.00
N VAL F 87 -1.92 24.47 11.89
CA VAL F 87 -2.43 24.00 10.60
C VAL F 87 -1.76 22.70 10.20
N VAL F 88 -0.44 22.60 10.36
CA VAL F 88 0.23 21.38 9.97
C VAL F 88 -0.14 20.23 10.90
N TYR F 89 -0.37 20.49 12.19
CA TYR F 89 -0.86 19.44 13.08
C TYR F 89 -2.25 18.96 12.65
N ALA F 90 -3.12 19.90 12.27
CA ALA F 90 -4.44 19.51 11.80
C ALA F 90 -4.36 18.67 10.53
N LEU F 91 -3.47 19.04 9.61
CA LEU F 91 -3.29 18.25 8.41
C LEU F 91 -2.74 16.86 8.74
N LYS F 92 -1.81 16.78 9.68
CA LYS F 92 -1.29 15.49 10.12
C LYS F 92 -2.38 14.64 10.75
N ARG F 93 -3.34 15.28 11.41
CA ARG F 93 -4.47 14.55 11.99
C ARG F 93 -5.26 13.81 10.92
N GLN F 94 -5.51 14.47 9.79
CA GLN F 94 -6.23 13.86 8.68
C GLN F 94 -5.35 12.99 7.80
N GLY F 95 -4.14 12.66 8.25
CA GLY F 95 -3.22 11.92 7.43
C GLY F 95 -2.83 12.63 6.15
N ARG F 96 -2.61 13.94 6.22
CA ARG F 96 -2.29 14.76 5.07
C ARG F 96 -1.14 15.70 5.41
N THR F 97 -0.07 15.12 5.96
CA THR F 97 1.04 15.90 6.50
C THR F 97 1.61 16.85 5.46
N LEU F 98 2.18 17.95 5.95
CA LEU F 98 2.73 19.00 5.11
C LEU F 98 4.15 19.32 5.56
N TYR F 99 5.01 19.61 4.59
CA TYR F 99 6.42 19.89 4.84
C TYR F 99 6.74 21.34 4.57
N GLY F 100 7.79 21.82 5.22
CA GLY F 100 8.28 23.16 4.98
C GLY F 100 7.69 24.23 5.87
N PHE F 101 7.06 23.86 6.98
CA PHE F 101 6.46 24.83 7.90
C PHE F 101 6.80 24.46 9.34
N GLY F 102 8.07 24.17 9.59
CA GLY F 102 8.54 23.87 10.93
C GLY F 102 8.55 22.40 11.30
N GLY F 103 7.97 21.54 10.48
CA GLY F 103 7.96 20.11 10.77
C GLY F 103 6.79 19.67 11.62
N ALA G 13 -14.23 4.95 55.96
CA ALA G 13 -14.85 5.69 54.87
C ALA G 13 -16.10 4.98 54.36
N LYS G 14 -16.87 5.66 53.53
CA LYS G 14 -18.09 5.09 52.98
C LYS G 14 -17.75 4.02 51.94
N ALA G 15 -18.74 3.17 51.66
CA ALA G 15 -18.58 2.09 50.69
C ALA G 15 -18.85 2.63 49.28
N LYS G 16 -17.88 3.39 48.78
CA LYS G 16 -17.97 3.98 47.45
C LYS G 16 -16.59 3.95 46.81
N THR G 17 -16.49 3.34 45.64
CA THR G 17 -15.28 3.38 44.85
C THR G 17 -15.30 4.63 43.96
N ARG G 18 -14.21 4.83 43.21
CA ARG G 18 -14.12 6.00 42.34
C ARG G 18 -15.19 5.96 41.25
N SER G 19 -15.40 4.80 40.64
CA SER G 19 -16.42 4.68 39.61
C SER G 19 -17.82 4.89 40.17
N SER G 20 -18.08 4.36 41.37
CA SER G 20 -19.38 4.56 42.00
C SER G 20 -19.63 6.04 42.29
N ARG G 21 -18.61 6.75 42.78
CA ARG G 21 -18.76 8.18 43.04
C ARG G 21 -18.97 8.94 41.74
N ALA G 22 -18.25 8.57 40.68
CA ALA G 22 -18.38 9.23 39.39
C ALA G 22 -19.68 8.88 38.68
N GLY G 23 -20.44 7.91 39.18
CA GLY G 23 -21.65 7.49 38.51
C GLY G 23 -21.41 6.86 37.15
N LEU G 24 -20.35 6.07 37.03
CA LEU G 24 -19.99 5.41 35.79
C LEU G 24 -19.89 3.91 36.01
N GLN G 25 -20.37 3.14 35.04
CA GLN G 25 -20.23 1.69 35.11
C GLN G 25 -18.81 1.25 34.78
N PHE G 26 -18.12 1.99 33.91
CA PHE G 26 -16.76 1.63 33.55
C PHE G 26 -15.82 1.88 34.72
N PRO G 27 -14.73 1.12 34.81
CA PRO G 27 -13.77 1.30 35.92
C PRO G 27 -12.83 2.46 35.63
N VAL G 28 -13.00 3.55 36.37
CA VAL G 28 -12.11 4.70 36.22
C VAL G 28 -10.71 4.35 36.72
N GLY G 29 -10.63 3.58 37.81
CA GLY G 29 -9.32 3.17 38.31
C GLY G 29 -8.54 2.37 37.29
N ARG G 30 -9.21 1.47 36.57
CA ARG G 30 -8.55 0.71 35.52
C ARG G 30 -8.05 1.64 34.42
N VAL G 31 -8.84 2.65 34.06
CA VAL G 31 -8.42 3.60 33.04
C VAL G 31 -7.18 4.35 33.50
N HIS G 32 -7.17 4.79 34.75
CA HIS G 32 -5.99 5.48 35.29
C HIS G 32 -4.76 4.59 35.27
N ARG G 33 -4.94 3.32 35.66
CA ARG G 33 -3.81 2.39 35.66
C ARG G 33 -3.29 2.17 34.25
N LEU G 34 -4.20 2.03 33.27
CA LEU G 34 -3.78 1.87 31.88
C LEU G 34 -3.05 3.10 31.37
N LEU G 35 -3.54 4.29 31.72
CA LEU G 35 -2.89 5.53 31.28
C LEU G 35 -1.49 5.62 31.84
N ARG G 36 -1.32 5.32 33.14
CA ARG G 36 0.02 5.36 33.72
C ARG G 36 0.91 4.30 33.09
N LYS G 37 0.39 3.09 32.88
CA LYS G 37 1.19 2.02 32.31
C LYS G 37 1.50 2.25 30.83
N GLY G 38 0.65 2.98 30.12
CA GLY G 38 0.91 3.27 28.73
C GLY G 38 1.90 4.37 28.49
N ASN G 39 2.38 5.00 29.56
CA ASN G 39 3.34 6.12 29.52
C ASN G 39 3.02 7.10 28.39
N TYR G 40 1.75 7.47 28.29
CA TYR G 40 1.36 8.52 27.37
C TYR G 40 1.94 9.86 27.79
N ALA G 41 2.08 10.06 29.09
CA ALA G 41 2.73 11.25 29.63
C ALA G 41 3.33 10.90 30.98
N GLU G 42 4.26 11.76 31.43
CA GLU G 42 4.90 11.53 32.72
C GLU G 42 3.90 11.60 33.85
N ARG G 43 2.96 12.54 33.79
CA ARG G 43 1.95 12.71 34.82
C ARG G 43 0.56 12.58 34.19
N VAL G 44 -0.37 12.04 34.97
CA VAL G 44 -1.75 11.87 34.54
C VAL G 44 -2.66 12.62 35.51
N GLY G 45 -3.53 13.47 34.97
CA GLY G 45 -4.41 14.25 35.81
C GLY G 45 -5.40 13.38 36.57
N ALA G 46 -5.94 13.96 37.64
CA ALA G 46 -6.89 13.22 38.47
C ALA G 46 -8.21 12.99 37.75
N GLY G 47 -8.74 14.02 37.09
CA GLY G 47 -10.01 13.91 36.39
C GLY G 47 -9.93 13.32 35.00
N ALA G 48 -8.73 13.16 34.46
CA ALA G 48 -8.59 12.58 33.13
C ALA G 48 -9.12 11.16 33.03
N PRO G 49 -8.78 10.23 33.95
CA PRO G 49 -9.40 8.90 33.86
C PRO G 49 -10.91 8.93 34.00
N VAL G 50 -11.46 9.80 34.85
CA VAL G 50 -12.91 9.91 34.98
C VAL G 50 -13.52 10.35 33.66
N TYR G 51 -12.94 11.37 33.04
CA TYR G 51 -13.46 11.87 31.78
C TYR G 51 -13.39 10.81 30.69
N LEU G 52 -12.24 10.10 30.61
CA LEU G 52 -12.08 9.08 29.59
C LEU G 52 -13.04 7.92 29.79
N ALA G 53 -13.22 7.50 31.05
CA ALA G 53 -14.18 6.43 31.34
C ALA G 53 -15.59 6.86 30.98
N ALA G 54 -15.95 8.11 31.27
CA ALA G 54 -17.28 8.59 30.91
C ALA G 54 -17.48 8.58 29.41
N VAL G 55 -16.48 9.04 28.66
CA VAL G 55 -16.60 9.05 27.19
C VAL G 55 -16.73 7.64 26.65
N LEU G 56 -15.91 6.71 27.16
CA LEU G 56 -15.99 5.33 26.72
C LEU G 56 -17.34 4.71 27.05
N GLU G 57 -17.86 4.97 28.25
CA GLU G 57 -19.15 4.44 28.63
C GLU G 57 -20.26 5.00 27.76
N TYR G 58 -20.20 6.30 27.44
CA TYR G 58 -21.22 6.88 26.58
C TYR G 58 -21.17 6.27 25.18
N LEU G 59 -19.97 6.12 24.62
CA LEU G 59 -19.86 5.52 23.29
C LEU G 59 -20.38 4.09 23.28
N THR G 60 -20.02 3.30 24.31
CA THR G 60 -20.51 1.94 24.39
C THR G 60 -22.02 1.91 24.54
N ALA G 61 -22.57 2.81 25.34
CA ALA G 61 -24.03 2.86 25.51
C ALA G 61 -24.71 3.18 24.20
N GLU G 62 -24.18 4.14 23.45
CA GLU G 62 -24.81 4.51 22.18
C GLU G 62 -24.75 3.36 21.18
N ILE G 63 -23.59 2.74 21.04
CA ILE G 63 -23.48 1.66 20.06
C ILE G 63 -24.32 0.46 20.48
N LEU G 64 -24.39 0.17 21.79
CA LEU G 64 -25.22 -0.93 22.25
C LEU G 64 -26.70 -0.64 22.08
N GLU G 65 -27.12 0.62 22.28
CA GLU G 65 -28.51 0.97 22.04
C GLU G 65 -28.88 0.78 20.58
N LEU G 66 -28.00 1.23 19.68
CA LEU G 66 -28.28 1.06 18.25
C LEU G 66 -28.29 -0.42 17.88
N ALA G 67 -27.37 -1.21 18.42
CA ALA G 67 -27.34 -2.64 18.15
C ALA G 67 -28.60 -3.33 18.68
N GLY G 68 -29.05 -2.93 19.86
CA GLY G 68 -30.27 -3.52 20.40
C GLY G 68 -31.49 -3.17 19.60
N ASN G 69 -31.56 -1.93 19.11
CA ASN G 69 -32.66 -1.55 18.22
C ASN G 69 -32.62 -2.39 16.93
N ALA G 70 -31.43 -2.60 16.37
CA ALA G 70 -31.31 -3.42 15.19
C ALA G 70 -31.74 -4.86 15.47
N ALA G 71 -31.34 -5.40 16.63
CA ALA G 71 -31.71 -6.77 16.98
C ALA G 71 -33.22 -6.90 17.16
N ARG G 72 -33.85 -5.90 17.79
CA ARG G 72 -35.30 -5.90 17.89
C ARG G 72 -35.94 -5.87 16.51
N ASP G 73 -35.39 -5.05 15.61
CA ASP G 73 -35.86 -5.06 14.23
C ASP G 73 -35.60 -6.42 13.57
N ASN G 74 -34.46 -7.04 13.87
CA ASN G 74 -34.11 -8.34 13.33
C ASN G 74 -34.66 -9.49 14.15
N LYS G 75 -35.70 -9.23 14.96
CA LYS G 75 -36.42 -10.20 15.79
C LYS G 75 -35.50 -11.24 16.45
N LYS G 76 -34.36 -10.79 16.95
CA LYS G 76 -33.44 -11.66 17.67
C LYS G 76 -33.12 -11.04 19.03
N THR G 77 -33.12 -11.88 20.07
CA THR G 77 -32.85 -11.42 21.42
C THR G 77 -31.37 -11.34 21.74
N ARG G 78 -30.50 -11.84 20.87
CA ARG G 78 -29.07 -11.84 21.08
C ARG G 78 -28.40 -10.87 20.10
N ILE G 79 -27.48 -10.06 20.62
CA ILE G 79 -26.74 -9.13 19.78
C ILE G 79 -25.56 -9.88 19.15
N ILE G 80 -25.50 -9.84 17.83
CA ILE G 80 -24.48 -10.58 17.08
C ILE G 80 -23.66 -9.57 16.29
N PRO G 81 -22.49 -9.96 15.79
CA PRO G 81 -21.68 -9.02 15.01
C PRO G 81 -22.41 -8.41 13.83
N ARG G 82 -23.35 -9.14 13.23
CA ARG G 82 -24.17 -8.54 12.18
C ARG G 82 -24.93 -7.34 12.70
N HIS G 83 -25.50 -7.44 13.91
CA HIS G 83 -26.20 -6.32 14.50
C HIS G 83 -25.27 -5.14 14.77
N LEU G 84 -24.06 -5.42 15.26
CA LEU G 84 -23.10 -4.34 15.50
C LEU G 84 -22.73 -3.64 14.20
N GLN G 85 -22.49 -4.41 13.14
CA GLN G 85 -22.16 -3.82 11.85
C GLN G 85 -23.29 -2.97 11.32
N LEU G 86 -24.53 -3.47 11.44
CA LEU G 86 -25.68 -2.69 11.00
C LEU G 86 -25.81 -1.39 11.79
N ALA G 87 -25.64 -1.47 13.11
CA ALA G 87 -25.74 -0.27 13.94
C ALA G 87 -24.66 0.74 13.59
N VAL G 88 -23.43 0.28 13.38
CA VAL G 88 -22.33 1.19 13.08
C VAL G 88 -22.53 1.84 11.71
N ARG G 89 -22.88 1.04 10.70
CA ARG G 89 -22.98 1.56 9.35
C ARG G 89 -24.20 2.43 9.14
N ASN G 90 -25.33 2.08 9.75
CA ASN G 90 -26.54 2.89 9.58
C ASN G 90 -26.35 4.29 10.15
N ASP G 91 -25.75 4.38 11.33
CA ASP G 91 -25.51 5.69 11.94
C ASP G 91 -24.38 6.40 11.24
N GLU G 92 -24.64 7.63 10.79
CA GLU G 92 -23.62 8.38 10.07
C GLU G 92 -22.42 8.71 10.95
N GLU G 93 -22.67 9.13 12.20
CA GLU G 93 -21.58 9.53 13.08
C GLU G 93 -20.67 8.35 13.39
N LEU G 94 -21.25 7.21 13.78
CA LEU G 94 -20.44 6.03 14.10
C LEU G 94 -19.70 5.52 12.88
N ASN G 95 -20.36 5.51 11.72
CA ASN G 95 -19.68 5.09 10.50
C ASN G 95 -18.51 5.99 10.18
N LYS G 96 -18.67 7.31 10.37
CA LYS G 96 -17.56 8.22 10.20
C LYS G 96 -16.44 7.92 11.18
N LEU G 97 -16.79 7.61 12.43
CA LEU G 97 -15.79 7.28 13.44
C LEU G 97 -15.07 5.99 13.11
N LEU G 98 -15.81 4.99 12.61
CA LEU G 98 -15.27 3.65 12.36
C LEU G 98 -15.17 3.37 10.86
N GLY G 99 -14.76 4.38 10.08
CA GLY G 99 -14.64 4.19 8.65
C GLY G 99 -13.54 3.21 8.28
N ARG G 100 -12.40 3.29 8.95
CA ARG G 100 -11.25 2.44 8.68
C ARG G 100 -11.24 1.18 9.55
N VAL G 101 -12.41 0.72 9.98
CA VAL G 101 -12.53 -0.39 10.92
C VAL G 101 -13.31 -1.52 10.26
N THR G 102 -12.76 -2.72 10.31
CA THR G 102 -13.44 -3.92 9.83
C THR G 102 -13.96 -4.72 11.02
N ILE G 103 -15.25 -5.01 11.02
CA ILE G 103 -15.89 -5.79 12.08
C ILE G 103 -15.98 -7.24 11.62
N ALA G 104 -15.43 -8.15 12.42
CA ALA G 104 -15.42 -9.56 12.06
C ALA G 104 -16.84 -10.11 11.99
N GLN G 105 -17.12 -10.85 10.92
CA GLN G 105 -18.42 -11.48 10.71
C GLN G 105 -19.56 -10.45 10.78
N GLY G 106 -19.29 -9.25 10.28
CA GLY G 106 -20.28 -8.19 10.31
C GLY G 106 -21.12 -8.11 9.05
N GLY G 107 -20.58 -8.62 7.95
CA GLY G 107 -21.28 -8.49 6.69
C GLY G 107 -21.26 -7.05 6.18
N VAL G 108 -22.14 -6.80 5.21
CA VAL G 108 -22.26 -5.50 4.57
C VAL G 108 -23.70 -5.04 4.65
N LEU G 109 -23.91 -3.76 4.33
CA LEU G 109 -25.25 -3.20 4.34
C LEU G 109 -26.07 -3.77 3.18
N PRO G 110 -27.24 -4.33 3.45
CA PRO G 110 -28.06 -4.87 2.35
C PRO G 110 -28.66 -3.78 1.50
N ASN G 111 -28.12 -3.57 0.30
CA ASN G 111 -28.63 -2.56 -0.61
C ASN G 111 -28.32 -2.98 -2.04
N ILE G 112 -29.13 -2.47 -2.96
CA ILE G 112 -28.96 -2.71 -4.38
C ILE G 112 -28.98 -1.37 -5.09
N GLN G 113 -28.01 -1.17 -5.98
CA GLN G 113 -27.90 0.10 -6.70
C GLN G 113 -29.17 0.36 -7.51
N SER G 114 -29.63 1.61 -7.47
CA SER G 114 -30.86 1.98 -8.16
C SER G 114 -30.75 1.76 -9.67
N VAL G 115 -29.61 2.12 -10.25
CA VAL G 115 -29.41 1.90 -11.68
C VAL G 115 -29.40 0.40 -12.00
N LEU G 116 -28.70 -0.39 -11.17
CA LEU G 116 -28.66 -1.83 -11.40
C LEU G 116 -30.03 -2.46 -11.24
N LEU G 117 -30.78 -2.07 -10.22
CA LEU G 117 -32.07 -2.70 -9.95
C LEU G 117 -33.07 -2.30 -11.04
N PRO G 118 -33.64 -3.28 -11.74
CA PRO G 118 -34.63 -2.94 -12.78
C PRO G 118 -35.88 -2.32 -12.18
N LYS G 119 -36.50 -1.45 -12.97
CA LYS G 119 -37.72 -0.74 -12.58
C LYS G 119 -37.56 0.00 -11.26
N GLU H 33 -8.77 -8.32 32.73
CA GLU H 33 -7.88 -8.09 31.61
C GLU H 33 -8.61 -7.41 30.45
N SER H 34 -9.94 -7.43 30.51
CA SER H 34 -10.74 -6.84 29.45
C SER H 34 -12.05 -6.35 30.02
N TYR H 35 -12.68 -5.43 29.30
CA TYR H 35 -13.96 -4.85 29.70
C TYR H 35 -15.05 -5.88 29.43
N ALA H 36 -15.32 -6.72 30.43
CA ALA H 36 -16.30 -7.79 30.29
C ALA H 36 -17.56 -7.52 31.09
N ILE H 37 -17.44 -7.30 32.39
CA ILE H 37 -18.63 -7.05 33.21
C ILE H 37 -19.24 -5.69 32.88
N TYR H 38 -18.40 -4.70 32.58
CA TYR H 38 -18.89 -3.34 32.41
C TYR H 38 -19.77 -3.20 31.18
N VAL H 39 -19.39 -3.85 30.08
CA VAL H 39 -20.23 -3.80 28.88
C VAL H 39 -21.56 -4.49 29.15
N TYR H 40 -21.55 -5.58 29.92
CA TYR H 40 -22.81 -6.22 30.30
C TYR H 40 -23.67 -5.28 31.14
N LYS H 41 -23.05 -4.55 32.07
CA LYS H 41 -23.81 -3.61 32.88
C LYS H 41 -24.42 -2.51 32.01
N VAL H 42 -23.65 -1.99 31.06
CA VAL H 42 -24.16 -0.95 30.18
C VAL H 42 -25.32 -1.48 29.34
N LEU H 43 -25.18 -2.69 28.80
CA LEU H 43 -26.25 -3.29 28.01
C LEU H 43 -27.50 -3.49 28.85
N LYS H 44 -27.33 -3.95 30.09
CA LYS H 44 -28.47 -4.09 31.00
C LYS H 44 -29.15 -2.76 31.25
N GLN H 45 -28.35 -1.70 31.42
CA GLN H 45 -28.92 -0.37 31.63
C GLN H 45 -29.73 0.08 30.41
N VAL H 46 -29.22 -0.17 29.21
CA VAL H 46 -29.90 0.31 28.00
C VAL H 46 -30.92 -0.70 27.48
N HIS H 47 -30.61 -2.00 27.54
CA HIS H 47 -31.53 -3.04 27.11
C HIS H 47 -31.57 -4.12 28.19
N PRO H 48 -32.55 -4.06 29.10
CA PRO H 48 -32.54 -4.97 30.25
C PRO H 48 -32.67 -6.44 29.88
N ASP H 49 -33.19 -6.77 28.70
CA ASP H 49 -33.43 -8.16 28.33
C ASP H 49 -32.55 -8.66 27.19
N THR H 50 -32.05 -7.77 26.34
CA THR H 50 -31.30 -8.19 25.16
C THR H 50 -29.94 -8.77 25.57
N GLY H 51 -29.60 -9.92 24.98
CA GLY H 51 -28.32 -10.54 25.21
C GLY H 51 -27.31 -10.19 24.12
N ILE H 52 -26.06 -10.54 24.38
CA ILE H 52 -24.95 -10.25 23.47
C ILE H 52 -24.13 -11.51 23.27
N SER H 53 -23.79 -11.80 22.02
CA SER H 53 -23.00 -12.98 21.70
C SER H 53 -21.55 -12.79 22.12
N SER H 54 -20.86 -13.91 22.31
CA SER H 54 -19.45 -13.86 22.73
C SER H 54 -18.58 -13.20 21.67
N LYS H 55 -18.80 -13.52 20.40
CA LYS H 55 -18.05 -12.86 19.33
C LYS H 55 -18.35 -11.36 19.31
N ALA H 56 -19.62 -11.00 19.42
CA ALA H 56 -19.98 -9.59 19.53
C ALA H 56 -19.40 -8.96 20.77
N MET H 57 -19.32 -9.71 21.86
CA MET H 57 -18.71 -9.20 23.09
C MET H 57 -17.24 -8.87 22.86
N SER H 58 -16.51 -9.77 22.21
CA SER H 58 -15.11 -9.51 21.90
C SER H 58 -14.95 -8.33 20.95
N ILE H 59 -15.86 -8.20 19.98
CA ILE H 59 -15.82 -7.06 19.07
C ILE H 59 -16.01 -5.76 19.85
N MET H 60 -16.97 -5.75 20.78
CA MET H 60 -17.21 -4.56 21.58
C MET H 60 -16.00 -4.23 22.45
N ASN H 61 -15.37 -5.25 23.05
CA ASN H 61 -14.19 -5.01 23.87
C ASN H 61 -13.05 -4.46 23.03
N SER H 62 -12.85 -5.00 21.83
CA SER H 62 -11.82 -4.48 20.93
C SER H 62 -12.14 -3.03 20.53
N PHE H 63 -13.41 -2.72 20.32
CA PHE H 63 -13.80 -1.36 19.99
C PHE H 63 -13.48 -0.40 21.14
N VAL H 64 -13.78 -0.82 22.37
CA VAL H 64 -13.48 0.01 23.53
C VAL H 64 -11.97 0.23 23.64
N ASN H 65 -11.19 -0.82 23.44
CA ASN H 65 -9.73 -0.69 23.50
C ASN H 65 -9.21 0.25 22.40
N ASP H 66 -9.76 0.14 21.20
CA ASP H 66 -9.32 1.00 20.10
C ASP H 66 -9.66 2.46 20.37
N VAL H 67 -10.87 2.72 20.88
CA VAL H 67 -11.23 4.10 21.21
C VAL H 67 -10.33 4.65 22.31
N PHE H 68 -10.05 3.81 23.32
CA PHE H 68 -9.13 4.22 24.38
C PHE H 68 -7.76 4.57 23.81
N GLU H 69 -7.24 3.72 22.91
CA GLU H 69 -5.94 4.00 22.31
C GLU H 69 -5.97 5.30 21.53
N ARG H 70 -7.01 5.51 20.73
CA ARG H 70 -7.10 6.75 19.94
C ARG H 70 -7.11 7.98 20.84
N ILE H 71 -7.98 7.99 21.85
CA ILE H 71 -8.12 9.18 22.69
C ILE H 71 -6.86 9.41 23.51
N ALA H 72 -6.28 8.35 24.07
CA ALA H 72 -5.07 8.51 24.87
C ALA H 72 -3.91 8.98 24.00
N GLY H 73 -3.77 8.43 22.80
CA GLY H 73 -2.71 8.89 21.91
C GLY H 73 -2.87 10.33 21.52
N GLU H 74 -4.11 10.75 21.22
CA GLU H 74 -4.33 12.15 20.87
C GLU H 74 -4.04 13.07 22.05
N ALA H 75 -4.44 12.66 23.25
CA ALA H 75 -4.16 13.49 24.43
C ALA H 75 -2.66 13.59 24.69
N SER H 76 -1.93 12.49 24.54
CA SER H 76 -0.48 12.54 24.71
C SER H 76 0.16 13.42 23.65
N ARG H 77 -0.32 13.34 22.41
CA ARG H 77 0.20 14.17 21.35
C ARG H 77 -0.05 15.64 21.64
N LEU H 78 -1.23 15.97 22.15
CA LEU H 78 -1.52 17.35 22.55
C LEU H 78 -0.62 17.81 23.67
N ALA H 79 -0.40 16.96 24.68
CA ALA H 79 0.47 17.33 25.78
C ALA H 79 1.89 17.60 25.29
N HIS H 80 2.38 16.76 24.39
CA HIS H 80 3.69 16.99 23.79
C HIS H 80 3.74 18.26 22.97
N TYR H 81 2.72 18.52 22.16
CA TYR H 81 2.67 19.71 21.31
C TYR H 81 2.53 21.00 22.11
N ASN H 82 2.03 20.93 23.34
CA ASN H 82 1.94 22.12 24.18
C ASN H 82 3.03 22.16 25.23
N LYS H 83 4.06 21.32 25.09
CA LYS H 83 5.15 21.22 26.06
C LYS H 83 4.61 20.99 27.46
N ARG H 84 3.56 20.19 27.56
CA ARG H 84 2.88 19.90 28.82
C ARG H 84 3.16 18.45 29.20
N SER H 85 3.53 18.23 30.46
CA SER H 85 3.93 16.91 30.92
C SER H 85 2.81 16.17 31.66
N THR H 86 1.59 16.70 31.63
CA THR H 86 0.49 16.10 32.36
C THR H 86 -0.74 16.01 31.47
N ILE H 87 -1.38 14.85 31.45
CA ILE H 87 -2.64 14.67 30.74
C ILE H 87 -3.78 14.92 31.72
N THR H 88 -4.44 16.07 31.59
CA THR H 88 -5.54 16.44 32.45
C THR H 88 -6.85 16.21 31.71
N SER H 89 -7.96 16.62 32.33
CA SER H 89 -9.27 16.48 31.70
C SER H 89 -9.36 17.33 30.44
N ARG H 90 -8.69 18.48 30.41
CA ARG H 90 -8.77 19.35 29.25
C ARG H 90 -8.19 18.68 28.01
N GLU H 91 -7.07 17.98 28.17
CA GLU H 91 -6.48 17.26 27.03
C GLU H 91 -7.41 16.18 26.52
N ILE H 92 -8.06 15.44 27.44
CA ILE H 92 -8.99 14.40 27.02
C ILE H 92 -10.18 15.01 26.29
N GLN H 93 -10.71 16.12 26.80
CA GLN H 93 -11.84 16.77 26.15
C GLN H 93 -11.48 17.27 24.76
N THR H 94 -10.29 17.88 24.62
CA THR H 94 -9.85 18.33 23.30
C THR H 94 -9.66 17.15 22.35
N ALA H 95 -9.10 16.05 22.86
CA ALA H 95 -8.94 14.87 22.02
C ALA H 95 -10.29 14.32 21.57
N VAL H 96 -11.27 14.32 22.46
CA VAL H 96 -12.62 13.86 22.10
C VAL H 96 -13.20 14.76 21.02
N ARG H 97 -13.05 16.08 21.18
CA ARG H 97 -13.55 17.00 20.16
C ARG H 97 -12.84 16.81 18.83
N LEU H 98 -11.56 16.44 18.87
CA LEU H 98 -10.82 16.21 17.63
C LEU H 98 -11.26 14.93 16.92
N LEU H 99 -11.42 13.85 17.68
CA LEU H 99 -11.66 12.55 17.07
C LEU H 99 -13.12 12.36 16.67
N LEU H 100 -14.02 12.42 17.66
CA LEU H 100 -15.41 12.14 17.39
C LEU H 100 -16.02 13.24 16.52
N PRO H 101 -16.91 12.89 15.59
CA PRO H 101 -17.48 13.89 14.69
C PRO H 101 -18.77 14.51 15.18
N GLY H 102 -18.79 15.83 15.19
CA GLY H 102 -20.03 16.59 15.31
C GLY H 102 -20.82 16.28 16.57
N GLU H 103 -22.10 15.95 16.36
CA GLU H 103 -23.03 15.77 17.47
C GLU H 103 -22.58 14.67 18.43
N LEU H 104 -21.96 13.60 17.90
CA LEU H 104 -21.44 12.57 18.77
C LEU H 104 -20.36 13.13 19.69
N ALA H 105 -19.46 13.95 19.14
CA ALA H 105 -18.44 14.59 19.96
C ALA H 105 -19.06 15.50 21.00
N LYS H 106 -20.06 16.28 20.61
CA LYS H 106 -20.71 17.19 21.55
C LYS H 106 -21.33 16.42 22.71
N HIS H 107 -22.06 15.35 22.40
CA HIS H 107 -22.71 14.57 23.46
C HIS H 107 -21.68 13.87 24.34
N ALA H 108 -20.60 13.35 23.75
CA ALA H 108 -19.56 12.72 24.55
C ALA H 108 -18.90 13.72 25.49
N VAL H 109 -18.63 14.93 24.98
CA VAL H 109 -18.03 15.97 25.83
C VAL H 109 -18.98 16.34 26.96
N SER H 110 -20.26 16.49 26.65
CA SER H 110 -21.23 16.81 27.70
C SER H 110 -21.29 15.72 28.75
N GLU H 111 -21.32 14.46 28.33
CA GLU H 111 -21.36 13.36 29.28
C GLU H 111 -20.10 13.31 30.14
N GLY H 112 -18.94 13.51 29.53
CA GLY H 112 -17.70 13.50 30.29
C GLY H 112 -17.63 14.64 31.30
N THR H 113 -18.04 15.84 30.89
CA THR H 113 -18.04 16.97 31.81
C THR H 113 -19.01 16.74 32.96
N LYS H 114 -20.20 16.22 32.66
CA LYS H 114 -21.17 15.94 33.72
C LYS H 114 -20.62 14.91 34.70
N ALA H 115 -20.00 13.84 34.18
CA ALA H 115 -19.45 12.81 35.05
C ALA H 115 -18.32 13.35 35.91
N VAL H 116 -17.43 14.15 35.33
CA VAL H 116 -16.33 14.72 36.12
C VAL H 116 -16.87 15.65 37.20
N THR H 117 -17.85 16.48 36.84
CA THR H 117 -18.43 17.39 37.82
C THR H 117 -19.08 16.62 38.97
N LYS H 118 -19.84 15.57 38.63
CA LYS H 118 -20.48 14.78 39.68
C LYS H 118 -19.45 14.08 40.55
N TYR H 119 -18.38 13.57 39.95
CA TYR H 119 -17.33 12.90 40.72
C TYR H 119 -16.64 13.85 41.67
N THR H 120 -16.29 15.05 41.20
CA THR H 120 -15.55 15.98 42.04
C THR H 120 -16.42 16.53 43.16
N SER H 121 -17.69 16.82 42.87
CA SER H 121 -18.59 17.46 43.82
C SER H 121 -19.69 16.51 44.32
N ALA H 122 -19.40 15.21 44.39
CA ALA H 122 -20.39 14.27 44.92
C ALA H 122 -20.68 14.55 46.39
N LYS H 123 -19.65 14.86 47.17
CA LYS H 123 -19.82 15.12 48.58
C LYS H 123 -19.36 16.53 48.93
N MET K 73 -4.09 -31.83 -23.89
CA MET K 73 -2.69 -32.07 -24.25
C MET K 73 -1.98 -32.86 -23.18
N SER K 74 -1.53 -34.07 -23.53
CA SER K 74 -0.83 -34.95 -22.61
C SER K 74 0.67 -34.67 -22.67
N ALA K 75 1.40 -35.28 -21.74
CA ALA K 75 2.83 -35.03 -21.63
C ALA K 75 3.62 -35.58 -22.81
N LYS K 76 3.35 -36.83 -23.21
CA LYS K 76 4.12 -37.44 -24.30
C LYS K 76 3.93 -36.70 -25.62
N GLU K 77 2.67 -36.43 -25.98
CA GLU K 77 2.39 -35.73 -27.23
C GLU K 77 2.93 -34.31 -27.21
N LEU K 78 2.83 -33.62 -26.07
CA LEU K 78 3.40 -32.28 -25.98
C LEU K 78 4.91 -32.31 -26.13
N CYS K 79 5.58 -33.28 -25.49
CA CYS K 79 7.03 -33.39 -25.63
C CYS K 79 7.42 -33.64 -27.08
N GLU K 80 6.72 -34.55 -27.75
CA GLU K 80 7.03 -34.83 -29.15
C GLU K 80 6.82 -33.60 -30.02
N ASN K 81 5.68 -32.93 -29.86
CA ASN K 81 5.40 -31.74 -30.67
C ASN K 81 6.40 -30.63 -30.42
N ASP K 82 6.80 -30.44 -29.16
CA ASP K 82 7.73 -29.35 -28.85
C ASP K 82 9.14 -29.68 -29.34
N ASP K 83 9.55 -30.95 -29.25
CA ASP K 83 10.83 -31.33 -29.83
C ASP K 83 10.83 -31.12 -31.34
N LEU K 84 9.74 -31.49 -32.02
CA LEU K 84 9.64 -31.25 -33.45
C LEU K 84 9.70 -29.76 -33.76
N ALA K 85 9.00 -28.94 -32.98
CA ALA K 85 9.02 -27.50 -33.20
C ALA K 85 10.42 -26.93 -33.01
N THR K 86 11.12 -27.35 -31.94
CA THR K 86 12.46 -26.85 -31.68
C THR K 86 13.42 -27.24 -32.80
N SER K 87 13.30 -28.48 -33.30
CA SER K 87 14.12 -28.89 -34.42
C SER K 87 13.66 -28.29 -35.74
N LEU K 88 12.49 -27.66 -35.78
CA LEU K 88 11.93 -27.14 -37.02
C LEU K 88 12.11 -25.64 -37.20
N VAL K 89 12.08 -24.85 -36.12
CA VAL K 89 12.26 -23.41 -36.22
C VAL K 89 13.41 -22.91 -35.35
N LEU K 90 13.50 -23.37 -34.10
CA LEU K 90 14.58 -22.92 -33.23
C LEU K 90 15.93 -23.40 -33.74
N ASP K 91 16.05 -24.69 -34.07
CA ASP K 91 17.31 -25.22 -34.55
C ASP K 91 17.77 -24.58 -35.85
N PRO K 92 16.94 -24.47 -36.90
CA PRO K 92 17.43 -23.81 -38.13
C PRO K 92 17.84 -22.37 -37.92
N TYR K 93 17.14 -21.62 -37.06
CA TYR K 93 17.49 -20.23 -36.84
C TYR K 93 18.79 -20.11 -36.06
N LEU K 94 18.91 -20.87 -34.97
CA LEU K 94 20.11 -20.79 -34.14
C LEU K 94 21.26 -21.60 -34.71
N GLY K 95 20.97 -22.62 -35.51
CA GLY K 95 22.00 -23.46 -36.10
C GLY K 95 22.46 -24.61 -35.24
N PHE K 96 21.95 -24.72 -34.00
CA PHE K 96 22.34 -25.80 -33.11
C PHE K 96 21.12 -26.39 -32.43
N GLN K 97 21.24 -27.64 -32.02
CA GLN K 97 20.14 -28.32 -31.35
C GLN K 97 20.00 -27.80 -29.92
N THR K 98 18.77 -27.46 -29.54
CA THR K 98 18.49 -26.96 -28.20
C THR K 98 18.13 -28.13 -27.29
N HIS K 99 17.82 -27.82 -26.03
CA HIS K 99 17.42 -28.85 -25.08
C HIS K 99 16.07 -29.43 -25.48
N LYS K 100 16.03 -30.75 -25.66
CA LYS K 100 14.84 -31.43 -26.14
C LYS K 100 14.58 -32.67 -25.29
N MET K 101 13.31 -33.07 -25.25
CA MET K 101 12.94 -34.26 -24.48
C MET K 101 13.38 -35.55 -25.16
N ASN K 102 13.68 -35.50 -26.45
CA ASN K 102 14.11 -36.65 -27.26
C ASN K 102 13.31 -37.91 -26.92
N THR K 103 11.99 -37.75 -26.91
CA THR K 103 11.10 -38.87 -26.62
C THR K 103 10.55 -39.47 -27.91
N ARG K 134 14.59 -29.39 -46.96
CA ARG K 134 13.83 -28.16 -46.80
C ARG K 134 14.43 -27.27 -45.71
N GLN K 135 15.67 -27.60 -45.31
CA GLN K 135 16.33 -26.83 -44.27
C GLN K 135 16.60 -25.39 -44.73
N GLU K 136 17.03 -25.22 -45.97
CA GLU K 136 17.30 -23.88 -46.48
C GLU K 136 16.02 -23.07 -46.67
N GLU K 137 14.91 -23.73 -46.99
CA GLU K 137 13.66 -23.03 -47.21
C GLU K 137 13.14 -22.39 -45.91
N LEU K 138 13.39 -23.04 -44.77
CA LEU K 138 12.94 -22.48 -43.50
C LEU K 138 13.64 -21.17 -43.16
N LYS K 139 14.94 -21.08 -43.43
CA LYS K 139 15.68 -19.85 -43.15
C LYS K 139 15.19 -18.71 -44.01
N GLU K 140 14.74 -19.00 -45.24
CA GLU K 140 14.17 -17.95 -46.08
C GLU K 140 12.75 -17.59 -45.64
N VAL K 141 11.95 -18.58 -45.25
CA VAL K 141 10.57 -18.31 -44.91
C VAL K 141 10.46 -17.54 -43.60
N ILE K 142 11.37 -17.78 -42.64
CA ILE K 142 11.33 -17.01 -41.41
C ILE K 142 11.67 -15.55 -41.67
N GLU K 143 12.66 -15.29 -42.51
CA GLU K 143 13.00 -13.91 -42.88
C GLU K 143 11.87 -13.25 -43.66
N ARG K 144 11.19 -14.00 -44.53
CA ARG K 144 10.06 -13.46 -45.26
C ARG K 144 8.89 -13.14 -44.33
N PHE K 145 8.66 -14.00 -43.33
CA PHE K 145 7.58 -13.77 -42.38
C PHE K 145 7.85 -12.58 -41.48
N LYS K 146 9.11 -12.42 -41.04
CA LYS K 146 9.43 -11.31 -40.15
C LYS K 146 9.34 -9.96 -40.84
N LYS K 147 9.23 -9.94 -42.17
CA LYS K 147 9.06 -8.70 -42.92
C LYS K 147 7.69 -8.56 -43.57
N ASP K 148 6.93 -9.66 -43.72
CA ASP K 148 5.62 -9.61 -44.34
C ASP K 148 4.48 -10.07 -43.43
N GLU K 149 4.77 -10.87 -42.40
CA GLU K 149 3.76 -11.33 -41.44
C GLU K 149 2.64 -12.10 -42.13
N HIS K 150 3.01 -13.23 -42.72
CA HIS K 150 2.06 -14.15 -43.33
C HIS K 150 2.27 -15.53 -42.73
N LEU K 151 1.43 -15.90 -41.77
CA LEU K 151 1.58 -17.18 -41.08
C LEU K 151 1.23 -18.36 -41.96
N GLU K 152 0.32 -18.18 -42.92
CA GLU K 152 -0.07 -19.28 -43.80
C GLU K 152 1.10 -19.74 -44.65
N LYS K 153 1.89 -18.80 -45.18
CA LYS K 153 3.07 -19.18 -45.96
C LYS K 153 4.10 -19.91 -45.10
N ALA K 154 4.31 -19.47 -43.86
CA ALA K 154 5.23 -20.16 -42.97
C ALA K 154 4.75 -21.57 -42.67
N PHE K 155 3.43 -21.74 -42.44
CA PHE K 155 2.89 -23.07 -42.21
C PHE K 155 3.06 -23.97 -43.44
N LYS K 156 2.78 -23.43 -44.63
CA LYS K 156 2.92 -24.23 -45.84
C LYS K 156 4.38 -24.60 -46.13
N CYS K 157 5.32 -23.73 -45.77
CA CYS K 157 6.73 -24.06 -45.95
C CYS K 157 7.14 -25.24 -45.08
N LEU K 158 6.64 -25.32 -43.85
CA LEU K 158 6.98 -26.41 -42.95
C LEU K 158 6.39 -27.73 -43.40
N THR K 159 5.38 -27.72 -44.26
CA THR K 159 4.81 -28.96 -44.76
C THR K 159 5.76 -29.72 -45.67
N SER K 160 6.74 -29.03 -46.28
CA SER K 160 7.69 -29.67 -47.17
C SER K 160 8.70 -30.56 -46.44
N GLY K 161 8.82 -30.41 -45.12
CA GLY K 161 9.76 -31.24 -44.39
C GLY K 161 9.37 -32.71 -44.45
N GLU K 162 10.37 -33.57 -44.59
CA GLU K 162 10.13 -35.01 -44.69
C GLU K 162 9.51 -35.55 -43.41
N TRP K 163 10.09 -35.21 -42.26
CA TRP K 163 9.54 -35.69 -40.99
C TRP K 163 8.15 -35.12 -40.74
N ALA K 164 7.96 -33.83 -41.03
CA ALA K 164 6.65 -33.21 -40.84
C ALA K 164 5.61 -33.85 -41.75
N ARG K 165 5.96 -34.07 -43.02
CA ARG K 165 5.02 -34.69 -43.95
C ARG K 165 4.69 -36.12 -43.53
N HIS K 166 5.69 -36.87 -43.06
CA HIS K 166 5.44 -38.23 -42.60
C HIS K 166 4.55 -38.25 -41.37
N TYR K 167 4.77 -37.32 -40.43
CA TYR K 167 3.97 -37.29 -39.22
C TYR K 167 2.57 -36.72 -39.46
N PHE K 168 2.37 -35.96 -40.55
CA PHE K 168 1.04 -35.47 -40.87
C PHE K 168 0.07 -36.62 -41.13
N LEU K 169 0.50 -37.63 -41.88
CA LEU K 169 -0.36 -38.78 -42.15
C LEU K 169 -0.50 -39.69 -40.94
N ASN K 170 0.39 -39.57 -39.96
CA ASN K 170 0.36 -40.40 -38.76
C ASN K 170 -0.42 -39.77 -37.62
N LYS K 171 -1.01 -38.59 -37.82
CA LYS K 171 -1.76 -37.90 -36.79
C LYS K 171 -3.09 -37.42 -37.35
N ASN K 172 -4.07 -37.31 -36.46
CA ASN K 172 -5.39 -36.84 -36.84
C ASN K 172 -5.34 -35.34 -37.16
N LYS K 173 -6.39 -34.86 -37.83
CA LYS K 173 -6.47 -33.44 -38.18
C LYS K 173 -6.47 -32.57 -36.94
N MET K 174 -7.11 -33.03 -35.86
CA MET K 174 -7.09 -32.28 -34.61
C MET K 174 -5.68 -32.17 -34.06
N GLN K 175 -4.92 -33.27 -34.08
CA GLN K 175 -3.54 -33.23 -33.60
C GLN K 175 -2.66 -32.38 -34.52
N GLU K 176 -2.91 -32.45 -35.83
CA GLU K 176 -2.16 -31.62 -36.77
C GLU K 176 -2.41 -30.14 -36.51
N LYS K 177 -3.66 -29.76 -36.28
CA LYS K 177 -3.97 -28.36 -35.97
C LYS K 177 -3.40 -27.96 -34.62
N LEU K 178 -3.39 -28.88 -33.65
CA LEU K 178 -2.76 -28.59 -32.37
C LEU K 178 -1.28 -28.30 -32.53
N PHE K 179 -0.58 -29.12 -33.32
CA PHE K 179 0.84 -28.86 -33.59
C PHE K 179 1.04 -27.56 -34.35
N LYS K 180 0.15 -27.26 -35.30
CA LYS K 180 0.25 -26.01 -36.04
C LYS K 180 0.09 -24.81 -35.11
N GLU K 181 -0.87 -24.85 -34.19
CA GLU K 181 -1.02 -23.78 -33.21
C GLU K 181 0.16 -23.73 -32.25
N HIS K 182 0.74 -24.88 -31.90
CA HIS K 182 1.90 -24.89 -31.03
C HIS K 182 3.09 -24.20 -31.69
N VAL K 183 3.33 -24.46 -32.97
CA VAL K 183 4.41 -23.79 -33.67
C VAL K 183 4.04 -22.36 -34.02
N PHE K 184 2.75 -22.02 -33.98
CA PHE K 184 2.34 -20.64 -34.22
C PHE K 184 2.87 -19.69 -33.15
N ILE K 185 3.03 -20.16 -31.91
CA ILE K 185 3.60 -19.27 -30.90
C ILE K 185 5.07 -18.99 -31.20
N TYR K 186 5.80 -20.00 -31.69
CA TYR K 186 7.19 -19.77 -32.09
C TYR K 186 7.25 -18.83 -33.29
N LEU K 187 6.30 -18.95 -34.22
CA LEU K 187 6.23 -18.02 -35.33
C LEU K 187 5.96 -16.59 -34.85
N ARG K 188 5.05 -16.44 -33.88
CA ARG K 188 4.69 -15.12 -33.39
C ARG K 188 5.79 -14.50 -32.54
N MET K 189 6.64 -15.31 -31.92
CA MET K 189 7.74 -14.77 -31.14
C MET K 189 8.72 -13.96 -31.97
N PHE K 190 8.73 -14.15 -33.29
CA PHE K 190 9.59 -13.40 -34.19
C PHE K 190 8.90 -12.20 -34.82
N ALA K 191 7.72 -11.84 -34.33
CA ALA K 191 6.98 -10.72 -34.89
C ALA K 191 7.73 -9.40 -34.68
N THR K 192 7.44 -8.43 -35.54
CA THR K 192 8.13 -7.14 -35.48
C THR K 192 7.84 -6.40 -34.18
N ASP K 193 6.68 -6.64 -33.57
CA ASP K 193 6.31 -6.00 -32.32
C ASP K 193 6.68 -6.83 -31.09
N SER K 194 7.37 -7.95 -31.29
CA SER K 194 7.72 -8.82 -30.17
C SER K 194 8.61 -8.09 -29.15
N GLY K 195 9.66 -7.44 -29.64
CA GLY K 195 10.57 -6.74 -28.76
C GLY K 195 11.55 -7.61 -28.00
N PHE K 196 11.71 -8.87 -28.39
CA PHE K 196 12.62 -9.78 -27.72
C PHE K 196 13.10 -10.82 -28.72
N GLU K 197 14.22 -11.47 -28.39
CA GLU K 197 14.79 -12.47 -29.27
C GLU K 197 15.65 -13.43 -28.47
N ILE K 198 15.79 -14.65 -29.00
CA ILE K 198 16.60 -15.69 -28.40
C ILE K 198 17.98 -15.68 -29.05
N LEU K 199 19.01 -15.82 -28.23
CA LEU K 199 20.39 -15.80 -28.68
C LEU K 199 21.15 -16.98 -28.09
N PRO K 200 22.23 -17.41 -28.72
CA PRO K 200 23.06 -18.47 -28.10
C PRO K 200 23.66 -17.98 -26.79
N CYS K 201 23.74 -18.88 -25.82
CA CYS K 201 24.27 -18.56 -24.50
C CYS K 201 25.33 -19.60 -24.13
N ASN K 202 26.42 -19.13 -23.53
CA ASN K 202 27.50 -20.01 -23.11
C ASN K 202 28.08 -19.65 -21.74
N ARG K 203 27.51 -18.67 -21.04
CA ARG K 203 28.06 -18.30 -19.73
C ARG K 203 27.90 -19.43 -18.72
N TYR K 204 26.71 -20.01 -18.62
CA TYR K 204 26.44 -21.00 -17.60
C TYR K 204 27.00 -22.35 -18.01
N SER K 205 27.72 -22.98 -17.09
CA SER K 205 28.32 -24.28 -17.33
C SER K 205 27.26 -25.37 -17.27
N SER K 206 27.68 -26.61 -17.55
CA SER K 206 26.78 -27.76 -17.57
C SER K 206 25.61 -27.53 -18.51
N GLU K 207 25.87 -26.88 -19.65
CA GLU K 207 24.86 -26.56 -20.63
C GLU K 207 25.06 -27.41 -21.88
N GLN K 208 23.99 -27.52 -22.67
CA GLN K 208 24.01 -28.22 -23.95
C GLN K 208 23.45 -27.26 -24.99
N ASN K 209 24.33 -26.46 -25.61
CA ASN K 209 23.94 -25.42 -26.54
C ASN K 209 22.98 -24.43 -25.88
N GLY K 210 23.48 -23.76 -24.84
CA GLY K 210 22.63 -22.89 -24.05
C GLY K 210 22.11 -21.71 -24.84
N ALA K 211 20.94 -21.22 -24.43
CA ALA K 211 20.29 -20.11 -25.09
C ALA K 211 19.74 -19.15 -24.03
N LYS K 212 19.85 -17.86 -24.34
CA LYS K 212 19.38 -16.80 -23.45
C LYS K 212 18.42 -15.88 -24.20
N ILE K 213 17.37 -15.46 -23.52
CA ILE K 213 16.36 -14.58 -24.10
C ILE K 213 16.66 -13.15 -23.70
N VAL K 214 16.78 -12.27 -24.68
CA VAL K 214 17.10 -10.87 -24.46
C VAL K 214 15.98 -10.01 -25.03
N ALA K 215 15.45 -9.11 -24.23
CA ALA K 215 14.39 -8.20 -24.66
C ALA K 215 14.99 -6.93 -25.24
N THR K 216 14.40 -6.46 -26.33
CA THR K 216 14.89 -5.26 -27.01
C THR K 216 13.82 -4.17 -27.07
N LYS K 217 13.13 -3.94 -25.96
CA LYS K 217 12.12 -2.90 -25.88
C LYS K 217 12.12 -2.33 -24.47
N GLU K 218 11.07 -1.59 -24.12
CA GLU K 218 11.05 -0.83 -22.88
C GLU K 218 9.92 -1.30 -21.96
N TRP K 219 9.81 -2.61 -21.77
CA TRP K 219 8.78 -3.16 -20.89
C TRP K 219 8.91 -2.59 -19.49
N LYS K 220 7.78 -2.29 -18.87
CA LYS K 220 7.72 -1.69 -17.56
C LYS K 220 7.46 -2.76 -16.50
N ARG K 221 7.25 -2.34 -15.26
CA ARG K 221 6.94 -3.27 -14.19
C ARG K 221 5.56 -3.88 -14.39
N ASN K 222 5.36 -5.07 -13.80
CA ASN K 222 4.10 -5.81 -13.81
C ASN K 222 3.56 -6.04 -15.21
N ASP K 223 4.38 -5.86 -16.24
CA ASP K 223 3.93 -6.07 -17.60
C ASP K 223 4.05 -7.54 -17.98
N LYS K 224 2.95 -8.11 -18.44
CA LYS K 224 2.94 -9.49 -18.93
C LYS K 224 3.37 -9.51 -20.40
N ILE K 225 4.22 -10.46 -20.75
CA ILE K 225 4.63 -10.66 -22.13
C ILE K 225 3.67 -11.63 -22.79
N GLU K 226 3.00 -11.19 -23.85
CA GLU K 226 1.95 -11.96 -24.49
C GLU K 226 2.46 -12.94 -25.54
N LEU K 227 3.76 -12.94 -25.81
CA LEU K 227 4.33 -13.85 -26.80
C LEU K 227 5.26 -14.90 -26.21
N LEU K 228 5.73 -14.71 -24.98
CA LEU K 228 6.57 -15.71 -24.32
C LEU K 228 5.70 -16.75 -23.62
N VAL K 229 5.02 -17.55 -24.43
CA VAL K 229 4.03 -18.50 -23.94
C VAL K 229 4.64 -19.90 -23.96
N GLY K 230 4.57 -20.58 -22.82
CA GLY K 230 5.01 -21.97 -22.72
C GLY K 230 3.83 -22.86 -22.43
N CYS K 231 3.87 -24.08 -22.97
CA CYS K 231 2.74 -24.99 -22.81
C CYS K 231 2.81 -25.68 -21.46
N ILE K 232 1.69 -26.31 -21.08
CA ILE K 232 1.53 -26.90 -19.76
C ILE K 232 1.02 -28.34 -19.91
N ALA K 233 1.68 -29.27 -19.23
CA ALA K 233 1.22 -30.64 -19.12
C ALA K 233 1.65 -31.20 -17.78
N GLU K 234 0.70 -31.78 -17.04
CA GLU K 234 1.02 -32.39 -15.76
C GLU K 234 1.83 -33.66 -15.96
N LEU K 235 2.50 -34.10 -14.88
CA LEU K 235 3.31 -35.31 -14.91
C LEU K 235 2.89 -36.23 -13.77
N SER K 236 2.59 -37.48 -14.10
CA SER K 236 2.32 -38.46 -13.08
C SER K 236 3.62 -38.91 -12.42
N GLU K 237 3.48 -39.56 -11.25
CA GLU K 237 4.66 -40.05 -10.55
C GLU K 237 5.40 -41.10 -11.38
N ILE K 238 4.65 -41.99 -12.02
CA ILE K 238 5.29 -42.99 -12.90
C ILE K 238 5.85 -42.33 -14.14
N GLU K 239 5.12 -41.37 -14.71
CA GLU K 239 5.53 -40.76 -15.97
C GLU K 239 6.82 -39.95 -15.82
N GLU K 240 6.99 -39.27 -14.69
CA GLU K 240 8.17 -38.43 -14.49
C GLU K 240 9.44 -39.26 -14.37
N ASN K 241 9.34 -40.50 -13.89
CA ASN K 241 10.53 -41.34 -13.76
C ASN K 241 11.08 -41.73 -15.13
N MET K 242 10.21 -42.03 -16.09
CA MET K 242 10.65 -42.47 -17.40
C MET K 242 10.90 -41.31 -18.36
N LEU K 243 9.99 -40.32 -18.41
CA LEU K 243 10.15 -39.23 -19.35
C LEU K 243 11.22 -38.23 -18.91
N LEU K 244 11.44 -38.10 -17.61
CA LEU K 244 12.40 -37.14 -17.07
C LEU K 244 13.51 -37.89 -16.36
N ARG K 245 14.75 -37.51 -16.64
CA ARG K 245 15.93 -38.08 -16.00
C ARG K 245 16.79 -36.94 -15.49
N HIS K 246 17.22 -37.04 -14.25
CA HIS K 246 17.98 -35.98 -13.61
C HIS K 246 19.30 -35.75 -14.35
N GLY K 247 19.61 -34.49 -14.64
CA GLY K 247 20.83 -34.12 -15.33
C GLY K 247 20.78 -34.27 -16.83
N GLU K 248 19.66 -34.72 -17.39
CA GLU K 248 19.53 -34.91 -18.83
C GLU K 248 18.52 -33.95 -19.45
N ASN K 249 17.28 -33.96 -18.96
CA ASN K 249 16.21 -33.12 -19.51
C ASN K 249 15.51 -32.30 -18.42
N ASP K 250 16.12 -32.19 -17.25
CA ASP K 250 15.54 -31.39 -16.16
C ASP K 250 16.00 -29.93 -16.24
N PHE K 251 15.83 -29.33 -17.41
CA PHE K 251 16.20 -27.94 -17.62
C PHE K 251 15.06 -26.98 -17.27
N SER K 252 13.82 -27.36 -17.58
CA SER K 252 12.65 -26.55 -17.25
C SER K 252 11.52 -27.50 -16.85
N VAL K 253 11.43 -27.78 -15.55
CA VAL K 253 10.36 -28.60 -14.99
C VAL K 253 9.83 -27.92 -13.74
N MET K 254 8.55 -27.62 -13.72
CA MET K 254 7.93 -26.90 -12.61
C MET K 254 7.39 -27.89 -11.58
N TYR K 255 7.17 -27.37 -10.37
CA TYR K 255 6.51 -28.11 -9.30
C TYR K 255 5.37 -27.25 -8.78
N SER K 256 4.13 -27.65 -9.07
CA SER K 256 2.98 -26.86 -8.66
C SER K 256 2.82 -26.94 -7.15
N THR K 257 2.95 -25.79 -6.48
CA THR K 257 2.84 -25.77 -5.02
C THR K 257 1.46 -26.22 -4.56
N ARG K 258 0.42 -25.74 -5.23
CA ARG K 258 -0.93 -26.14 -4.87
C ARG K 258 -1.20 -27.60 -5.23
N LYS K 259 -0.85 -27.99 -6.45
CA LYS K 259 -1.15 -29.34 -6.93
C LYS K 259 -0.21 -30.39 -6.38
N ASN K 260 0.94 -29.99 -5.84
CA ASN K 260 1.97 -30.92 -5.37
C ASN K 260 2.33 -31.92 -6.45
N CYS K 261 2.49 -31.42 -7.68
CA CYS K 261 2.67 -32.27 -8.84
C CYS K 261 3.75 -31.69 -9.75
N ALA K 262 4.38 -32.58 -10.52
CA ALA K 262 5.38 -32.18 -11.50
C ALA K 262 4.71 -31.64 -12.75
N GLN K 263 5.40 -30.73 -13.42
CA GLN K 263 4.79 -29.97 -14.50
C GLN K 263 5.82 -29.74 -15.60
N LEU K 264 5.40 -29.91 -16.86
CA LEU K 264 6.27 -29.64 -17.99
C LEU K 264 6.07 -28.22 -18.47
N TRP K 265 7.18 -27.50 -18.65
CA TRP K 265 7.16 -26.10 -19.09
C TRP K 265 8.08 -26.00 -20.30
N LEU K 266 7.50 -26.19 -21.48
CA LEU K 266 8.25 -26.24 -22.72
C LEU K 266 7.76 -25.13 -23.65
N GLY K 267 8.70 -24.46 -24.30
CA GLY K 267 8.39 -23.38 -25.20
C GLY K 267 9.42 -22.28 -25.16
N PRO K 268 9.09 -21.12 -25.72
CA PRO K 268 10.03 -19.98 -25.66
C PRO K 268 10.34 -19.56 -24.23
N ALA K 269 9.42 -19.78 -23.29
CA ALA K 269 9.65 -19.43 -21.90
C ALA K 269 10.43 -20.49 -21.14
N ALA K 270 10.85 -21.56 -21.80
CA ALA K 270 11.67 -22.59 -21.18
C ALA K 270 13.16 -22.27 -21.22
N PHE K 271 13.53 -21.11 -21.78
CA PHE K 271 14.93 -20.71 -21.92
C PHE K 271 15.33 -19.68 -20.88
N ILE K 272 14.82 -19.80 -19.66
CA ILE K 272 15.11 -18.87 -18.58
C ILE K 272 16.07 -19.54 -17.61
N ASN K 273 17.07 -18.78 -17.15
CA ASN K 273 18.06 -19.27 -16.21
C ASN K 273 17.81 -18.70 -14.83
N HIS K 274 18.52 -19.25 -13.85
CA HIS K 274 18.41 -18.82 -12.47
C HIS K 274 18.90 -17.39 -12.31
N ASP K 275 18.33 -16.68 -11.34
CA ASP K 275 18.77 -15.33 -11.02
C ASP K 275 18.47 -15.05 -9.55
N CYS K 276 19.50 -14.64 -8.80
CA CYS K 276 19.28 -14.22 -7.43
C CYS K 276 18.48 -12.93 -7.36
N ARG K 277 18.56 -12.10 -8.40
CA ARG K 277 17.78 -10.87 -8.50
C ARG K 277 17.09 -10.90 -9.87
N PRO K 278 16.00 -11.67 -9.98
CA PRO K 278 15.34 -11.83 -11.29
C PRO K 278 14.74 -10.53 -11.78
N ASN K 279 14.67 -10.42 -13.11
CA ASN K 279 13.99 -9.31 -13.76
C ASN K 279 12.50 -9.57 -13.96
N CYS K 280 12.11 -10.83 -14.07
CA CYS K 280 10.71 -11.22 -14.21
C CYS K 280 10.46 -12.46 -13.38
N LYS K 281 9.18 -12.78 -13.18
CA LYS K 281 8.80 -13.95 -12.40
C LYS K 281 7.68 -14.70 -13.10
N PHE K 282 7.57 -15.98 -12.76
CA PHE K 282 6.48 -16.81 -13.27
C PHE K 282 5.25 -16.67 -12.39
N VAL K 283 4.09 -16.48 -13.01
CA VAL K 283 2.83 -16.37 -12.30
C VAL K 283 1.87 -17.42 -12.86
N SER K 284 0.93 -17.83 -12.03
CA SER K 284 -0.06 -18.84 -12.41
C SER K 284 -1.31 -18.15 -12.93
N THR K 285 -1.70 -18.47 -14.15
CA THR K 285 -2.87 -17.91 -14.81
C THR K 285 -3.94 -18.98 -15.05
N GLY K 286 -4.14 -19.84 -14.06
CA GLY K 286 -5.12 -20.91 -14.17
C GLY K 286 -4.59 -22.22 -13.60
N ARG K 287 -5.41 -23.26 -13.65
CA ARG K 287 -4.97 -24.56 -13.17
C ARG K 287 -3.78 -25.08 -13.98
N ASP K 288 -3.86 -24.98 -15.30
CA ASP K 288 -2.84 -25.50 -16.21
C ASP K 288 -2.39 -24.41 -17.18
N THR K 289 -2.14 -23.22 -16.66
CA THR K 289 -1.67 -22.11 -17.48
C THR K 289 -0.77 -21.22 -16.65
N ALA K 290 0.30 -20.71 -17.26
CA ALA K 290 1.25 -19.84 -16.57
C ALA K 290 1.66 -18.71 -17.51
N CYS K 291 2.14 -17.63 -16.90
CA CYS K 291 2.58 -16.46 -17.65
C CYS K 291 3.80 -15.87 -16.95
N VAL K 292 4.36 -14.83 -17.57
CA VAL K 292 5.55 -14.15 -17.05
C VAL K 292 5.18 -12.70 -16.77
N LYS K 293 5.45 -12.25 -15.55
CA LYS K 293 5.19 -10.88 -15.14
C LYS K 293 6.51 -10.19 -14.81
N ALA K 294 6.69 -8.99 -15.37
CA ALA K 294 7.95 -8.27 -15.23
C ALA K 294 8.08 -7.68 -13.83
N LEU K 295 9.14 -8.07 -13.12
CA LEU K 295 9.39 -7.52 -11.78
C LEU K 295 9.80 -6.05 -11.87
N ARG K 296 10.68 -5.72 -12.80
CA ARG K 296 11.17 -4.35 -12.96
C ARG K 296 11.06 -3.96 -14.42
N ASP K 297 11.30 -2.67 -14.69
CA ASP K 297 11.33 -2.19 -16.06
C ASP K 297 12.45 -2.87 -16.84
N ILE K 298 12.15 -3.28 -18.06
CA ILE K 298 13.09 -4.03 -18.89
C ILE K 298 13.52 -3.11 -20.03
N GLU K 299 14.79 -2.71 -20.00
CA GLU K 299 15.39 -1.93 -21.08
C GLU K 299 15.95 -2.85 -22.14
N PRO K 300 16.13 -2.36 -23.37
CA PRO K 300 16.68 -3.21 -24.44
C PRO K 300 18.08 -3.71 -24.09
N GLY K 301 18.39 -4.92 -24.55
CA GLY K 301 19.69 -5.51 -24.31
C GLY K 301 19.84 -6.22 -22.98
N GLU K 302 18.74 -6.47 -22.27
CA GLU K 302 18.79 -7.18 -20.99
C GLU K 302 18.31 -8.61 -21.17
N GLU K 303 19.09 -9.56 -20.65
CA GLU K 303 18.71 -10.96 -20.66
C GLU K 303 17.60 -11.20 -19.65
N ILE K 304 16.59 -11.97 -20.04
CA ILE K 304 15.47 -12.27 -19.16
C ILE K 304 15.84 -13.47 -18.30
N SER K 305 15.82 -13.27 -16.99
CA SER K 305 16.16 -14.32 -16.03
C SER K 305 15.16 -14.34 -14.89
N CYS K 306 14.93 -15.52 -14.34
CA CYS K 306 13.97 -15.72 -13.25
C CYS K 306 14.66 -16.47 -12.11
N TYR K 307 13.87 -16.84 -11.11
CA TYR K 307 14.37 -17.49 -9.91
C TYR K 307 14.14 -18.99 -10.04
N TYR K 308 15.24 -19.76 -10.05
CA TYR K 308 15.11 -21.21 -10.14
C TYR K 308 14.65 -21.84 -8.83
N GLY K 309 15.10 -21.29 -7.70
CA GLY K 309 14.78 -21.87 -6.42
C GLY K 309 16.03 -22.06 -5.57
N ASP K 310 15.86 -22.03 -4.24
CA ASP K 310 17.01 -22.18 -3.35
C ASP K 310 17.64 -23.57 -3.45
N GLY K 311 16.87 -24.58 -3.85
CA GLY K 311 17.39 -25.93 -3.94
C GLY K 311 17.61 -26.41 -5.35
N PHE K 312 17.36 -25.56 -6.34
CA PHE K 312 17.47 -25.99 -7.73
C PHE K 312 18.92 -26.22 -8.14
N PHE K 313 19.79 -25.27 -7.84
CA PHE K 313 21.22 -25.37 -8.14
C PHE K 313 21.97 -25.29 -6.81
N GLY K 314 22.20 -26.45 -6.21
CA GLY K 314 22.74 -26.51 -4.87
C GLY K 314 21.67 -26.46 -3.81
N GLU K 315 22.04 -26.89 -2.60
CA GLU K 315 21.08 -26.94 -1.51
C GLU K 315 20.59 -25.55 -1.13
N ASN K 316 21.49 -24.57 -1.09
CA ASN K 316 21.16 -23.20 -0.74
C ASN K 316 21.71 -22.24 -1.79
N ASN K 317 21.64 -22.65 -3.07
CA ASN K 317 22.22 -21.89 -4.18
C ASN K 317 23.70 -21.61 -3.96
N GLU K 318 24.40 -22.58 -3.33
CA GLU K 318 25.83 -22.46 -3.15
C GLU K 318 26.60 -22.70 -4.44
N PHE K 319 26.03 -23.49 -5.35
CA PHE K 319 26.62 -23.78 -6.66
C PHE K 319 25.62 -23.34 -7.72
N CYS K 320 25.71 -22.07 -8.12
CA CYS K 320 24.83 -21.55 -9.15
C CYS K 320 25.52 -20.37 -9.81
N GLU K 321 25.15 -20.11 -11.06
CA GLU K 321 25.73 -19.04 -11.86
C GLU K 321 24.63 -18.13 -12.36
N CYS K 322 24.83 -16.82 -12.18
CA CYS K 322 23.86 -15.81 -12.61
C CYS K 322 24.61 -14.53 -12.96
N TYR K 323 23.96 -13.68 -13.74
CA TYR K 323 24.51 -12.35 -13.99
C TYR K 323 24.63 -11.57 -12.70
N THR K 324 23.60 -11.63 -11.85
CA THR K 324 23.69 -11.02 -10.54
C THR K 324 24.70 -11.76 -9.65
N CYS K 325 24.85 -13.07 -9.85
CA CYS K 325 25.93 -13.78 -9.19
C CYS K 325 27.29 -13.29 -9.66
N GLU K 326 27.42 -12.97 -10.95
CA GLU K 326 28.66 -12.38 -11.46
C GLU K 326 28.91 -11.01 -10.82
N ARG K 327 27.86 -10.22 -10.65
CA ARG K 327 28.01 -8.88 -10.11
C ARG K 327 28.35 -8.91 -8.62
N ARG K 328 27.46 -9.47 -7.80
CA ARG K 328 27.62 -9.44 -6.36
C ARG K 328 28.45 -10.59 -5.80
N GLY K 329 28.85 -11.54 -6.63
CA GLY K 329 29.64 -12.66 -6.16
C GLY K 329 28.87 -13.63 -5.28
N THR K 330 27.87 -14.29 -5.86
CA THR K 330 27.05 -15.27 -5.15
C THR K 330 27.02 -16.57 -5.95
N GLY K 331 26.41 -17.60 -5.37
CA GLY K 331 26.32 -18.88 -6.04
C GLY K 331 27.69 -19.49 -6.26
N ALA K 332 27.85 -20.18 -7.39
CA ALA K 332 29.16 -20.70 -7.75
C ALA K 332 30.15 -19.59 -8.06
N PHE K 333 29.68 -18.39 -8.39
CA PHE K 333 30.54 -17.25 -8.61
C PHE K 333 31.07 -16.65 -7.31
N LYS K 334 30.49 -17.02 -6.17
CA LYS K 334 30.90 -16.46 -4.88
C LYS K 334 32.36 -16.80 -4.59
N SER K 335 33.11 -15.80 -4.15
CA SER K 335 34.53 -15.97 -3.86
C SER K 335 34.99 -14.98 -2.80
N ASN K 347 27.93 6.83 -3.28
CA ASN K 347 28.97 7.47 -2.48
C ASN K 347 29.86 6.41 -1.83
N SER K 348 31.10 6.80 -1.51
CA SER K 348 32.04 5.86 -0.93
C SER K 348 31.68 5.51 0.51
N LYS K 349 31.54 6.52 1.38
CA LYS K 349 31.21 6.27 2.78
C LYS K 349 29.80 5.70 2.92
N TYR K 350 28.85 6.21 2.15
CA TYR K 350 27.47 5.80 2.30
C TYR K 350 27.20 4.50 1.53
N GLY K 351 26.10 3.84 1.92
CA GLY K 351 25.68 2.60 1.30
C GLY K 351 24.59 2.80 0.27
N LEU K 352 24.75 3.81 -0.57
CA LEU K 352 23.73 4.12 -1.57
C LEU K 352 23.44 2.92 -2.46
N ARG K 353 22.18 2.75 -2.81
CA ARG K 353 21.71 1.57 -3.51
C ARG K 353 22.06 1.66 -5.00
N GLU K 354 21.48 0.77 -5.81
CA GLU K 354 21.77 0.64 -7.23
C GLU K 354 20.50 0.72 -8.03
N THR K 355 19.69 1.75 -7.75
CA THR K 355 18.42 1.94 -8.44
C THR K 355 18.62 1.97 -9.95
N ASP K 356 17.72 1.29 -10.67
CA ASP K 356 17.87 1.12 -12.11
C ASP K 356 17.99 2.45 -12.85
N LYS K 357 17.35 3.50 -12.33
CA LYS K 357 17.48 4.81 -12.95
C LYS K 357 18.94 5.26 -13.01
N ARG K 358 19.62 5.23 -11.86
CA ARG K 358 21.03 5.60 -11.84
C ARG K 358 21.90 4.51 -12.45
N LEU K 359 21.41 3.27 -12.50
CA LEU K 359 22.16 2.21 -13.14
C LEU K 359 22.29 2.45 -14.64
N ASN K 360 21.17 2.79 -15.30
CA ASN K 360 21.21 3.10 -16.72
C ASN K 360 21.78 4.50 -16.99
N ARG K 361 21.56 5.45 -16.10
CA ARG K 361 22.13 6.79 -16.29
C ARG K 361 23.65 6.75 -16.25
N LEU K 362 24.22 5.99 -15.33
CA LEU K 362 25.68 5.87 -15.23
C LEU K 362 26.25 5.11 -16.40
#